data_4A5Y
#
_entry.id   4A5Y
#
_cell.length_a   85.630
_cell.length_b   91.930
_cell.length_c   163.900
_cell.angle_alpha   90.00
_cell.angle_beta   90.00
_cell.angle_gamma   90.00
#
_symmetry.space_group_name_H-M   'P 21 21 21'
#
loop_
_entity.id
_entity.type
_entity.pdbx_description
1 polymer 'KINESIN-LIKE PROTEIN KIF11'
2 non-polymer "ADENOSINE-5'-DIPHOSPHATE"
3 non-polymer 'CHLORIDE ION'
4 non-polymer 'ISPINESIB MESILATE'
5 non-polymer 'MAGNESIUM ION'
6 non-polymer 'PHOSPHATE ION'
7 water water
#
_entity_poly.entity_id   1
_entity_poly.type   'polypeptide(L)'
_entity_poly.pdbx_seq_one_letter_code
;MASQPNSSAKKKEEKGKNIQVVVRCRPFNLAERKASAHSIVECDPVRKEVSVRTGGLADKSSRKTYTFDMVFGASTKQID
VYRSVVCPILDEVIMGYNCTIFAYGQTGTGKTFTMEGERSPNEEYTWEEDPLAGIIPRTLHQIFEKLTDNGTEFSVKVSL
LEIYNEELFDLLNPSSDVSERLQMFDDPRNKRGVIIKGLEEITVHNKDEVYQILEKGAAKRTTAATLMNAYSSRSHSVFS
VTIHMKETTIDGEELVKIGKLNLVDLAGSENIGRSGAVDKRAREAGNINQSLLTLGRVITALVERTPHVPYRESKLTRIL
QDSLGGRTRTSIIATISPASLNLEETLSTLEYAHRAKNILNKPEVNQK
;
_entity_poly.pdbx_strand_id   A,B,C
#
loop_
_chem_comp.id
_chem_comp.type
_chem_comp.name
_chem_comp.formula
ADP non-polymer ADENOSINE-5'-DIPHOSPHATE 'C10 H15 N5 O10 P2'
CL non-polymer 'CHLORIDE ION' 'Cl -1'
G7X non-polymer 'ISPINESIB MESILATE' 'C30 H33 Cl N4 O2'
MG non-polymer 'MAGNESIUM ION' 'Mg 2'
PO4 non-polymer 'PHOSPHATE ION' 'O4 P -3'
#
# COMPACT_ATOMS: atom_id res chain seq x y z
N LYS A 17 25.56 -20.81 15.41
CA LYS A 17 24.19 -20.85 14.90
C LYS A 17 23.25 -20.07 15.79
N ASN A 18 22.43 -19.27 15.15
CA ASN A 18 21.35 -18.59 15.81
C ASN A 18 20.09 -19.46 15.68
N ILE A 19 20.30 -20.66 15.13
CA ILE A 19 19.31 -21.73 15.11
C ILE A 19 19.50 -22.65 16.32
N GLN A 20 18.59 -22.56 17.26
CA GLN A 20 18.68 -23.33 18.46
C GLN A 20 17.69 -24.47 18.31
N VAL A 21 18.13 -25.70 18.56
CA VAL A 21 17.20 -26.83 18.55
C VAL A 21 17.20 -27.45 19.95
N VAL A 22 16.03 -27.62 20.52
CA VAL A 22 15.93 -28.21 21.82
C VAL A 22 14.85 -29.27 21.80
N VAL A 23 14.80 -30.06 22.85
CA VAL A 23 13.91 -31.19 22.86
C VAL A 23 13.26 -31.24 24.20
N ARG A 24 11.95 -31.47 24.22
CA ARG A 24 11.18 -31.54 25.44
C ARG A 24 10.30 -32.80 25.50
N CYS A 25 10.60 -33.61 26.51
CA CYS A 25 9.86 -34.81 26.82
C CYS A 25 8.91 -34.50 27.93
N ARG A 26 7.64 -34.77 27.74
CA ARG A 26 6.68 -34.54 28.80
C ARG A 26 6.56 -35.72 29.74
N PRO A 27 5.98 -35.50 30.89
CA PRO A 27 5.81 -36.63 31.78
C PRO A 27 4.92 -37.72 31.21
N PHE A 28 5.18 -38.94 31.69
CA PHE A 28 4.34 -40.12 31.59
C PHE A 28 3.01 -39.71 32.22
N ASN A 29 1.89 -39.82 31.50
CA ASN A 29 0.61 -39.36 32.05
C ASN A 29 -0.28 -40.52 32.49
N LEU A 30 -1.47 -40.20 32.98
CA LEU A 30 -2.34 -41.23 33.53
C LEU A 30 -2.57 -42.39 32.54
N ALA A 31 -3.19 -42.09 31.40
CA ALA A 31 -3.57 -43.08 30.42
C ALA A 31 -2.44 -44.03 30.06
N GLU A 32 -1.20 -43.54 30.03
CA GLU A 32 -0.06 -44.41 29.71
C GLU A 32 0.27 -45.44 30.83
N ARG A 33 -0.14 -45.13 32.07
CA ARG A 33 -0.04 -46.09 33.15
C ARG A 33 -1.20 -47.06 33.03
N LYS A 34 -2.36 -46.54 32.66
CA LYS A 34 -3.50 -47.40 32.38
C LYS A 34 -3.24 -48.30 31.16
N ALA A 35 -2.34 -47.86 30.28
CA ALA A 35 -1.90 -48.70 29.17
C ALA A 35 -0.81 -49.63 29.65
N SER A 36 -0.51 -49.57 30.96
CA SER A 36 0.58 -50.36 31.54
CA SER A 36 0.58 -50.37 31.52
C SER A 36 1.86 -50.20 30.69
N ALA A 37 2.21 -48.96 30.38
CA ALA A 37 3.32 -48.75 29.46
C ALA A 37 4.62 -48.60 30.22
N HIS A 38 5.70 -48.47 29.46
CA HIS A 38 7.06 -48.39 29.94
C HIS A 38 7.69 -47.10 29.45
N SER A 39 8.34 -46.38 30.36
CA SER A 39 9.08 -45.19 29.98
C SER A 39 10.38 -45.68 29.40
N ILE A 40 10.59 -45.36 28.13
CA ILE A 40 11.82 -45.59 27.39
C ILE A 40 12.79 -44.45 27.12
N VAL A 41 12.51 -43.24 27.63
CA VAL A 41 13.33 -42.08 27.22
C VAL A 41 14.06 -41.37 28.39
N GLU A 42 15.32 -41.02 28.19
CA GLU A 42 16.10 -40.37 29.26
C GLU A 42 16.76 -39.09 28.78
N CYS A 43 16.67 -38.06 29.60
CA CYS A 43 17.21 -36.76 29.21
C CYS A 43 18.37 -36.31 30.09
N ASP A 44 19.51 -35.99 29.48
CA ASP A 44 20.57 -35.44 30.28
C ASP A 44 20.60 -33.92 30.08
N PRO A 45 20.05 -33.19 31.04
CA PRO A 45 20.01 -31.76 30.80
C PRO A 45 21.40 -31.16 30.78
N VAL A 46 22.26 -31.63 31.69
CA VAL A 46 23.62 -31.12 31.82
C VAL A 46 24.46 -31.52 30.63
N ARG A 47 24.35 -32.78 30.22
CA ARG A 47 25.05 -33.22 29.01
C ARG A 47 24.31 -32.79 27.75
N LYS A 48 23.09 -32.26 27.92
CA LYS A 48 22.27 -31.85 26.79
C LYS A 48 21.98 -33.03 25.88
N GLU A 49 21.58 -34.14 26.48
CA GLU A 49 21.39 -35.38 25.72
C GLU A 49 20.06 -36.03 26.01
N VAL A 50 19.56 -36.73 24.98
CA VAL A 50 18.37 -37.53 25.10
C VAL A 50 18.76 -38.89 24.58
N SER A 51 18.32 -39.93 25.27
CA SER A 51 18.53 -41.30 24.79
C SER A 51 17.27 -42.11 24.97
N VAL A 52 17.04 -43.04 24.04
CA VAL A 52 15.84 -43.85 24.05
C VAL A 52 16.19 -45.34 24.08
N ARG A 53 15.45 -46.12 24.88
CA ARG A 53 15.71 -47.55 24.88
C ARG A 53 15.02 -48.08 23.64
N THR A 54 15.81 -48.61 22.71
CA THR A 54 15.31 -48.95 21.39
C THR A 54 14.76 -50.36 21.19
N GLY A 55 15.06 -51.30 22.09
CA GLY A 55 14.85 -52.71 21.81
C GLY A 55 13.66 -53.47 22.38
N GLY A 56 13.01 -52.90 23.40
CA GLY A 56 11.87 -53.52 24.05
C GLY A 56 12.03 -54.95 24.57
N LEU A 57 13.22 -55.27 25.10
CA LEU A 57 13.64 -56.64 25.46
C LEU A 57 14.27 -57.43 24.32
N ALA A 58 14.23 -56.87 23.11
CA ALA A 58 14.95 -57.44 21.97
C ALA A 58 16.44 -57.39 22.27
N ASP A 59 16.85 -56.25 22.83
CA ASP A 59 18.11 -56.14 23.56
C ASP A 59 17.68 -55.80 24.97
N LYS A 60 17.05 -54.62 25.05
CA LYS A 60 16.66 -53.97 26.30
C LYS A 60 17.86 -53.26 26.93
N SER A 61 19.06 -53.60 26.50
CA SER A 61 20.24 -52.80 26.81
C SER A 61 20.32 -51.65 25.81
N SER A 62 19.93 -51.95 24.57
CA SER A 62 20.10 -51.09 23.40
C SER A 62 19.57 -49.65 23.53
N ARG A 63 20.43 -48.68 23.18
CA ARG A 63 20.17 -47.26 23.41
C ARG A 63 20.54 -46.39 22.21
N LYS A 64 19.63 -45.49 21.83
CA LYS A 64 20.01 -44.36 20.95
C LYS A 64 20.15 -43.05 21.75
N THR A 65 21.21 -42.29 21.46
CA THR A 65 21.48 -41.04 22.14
C THR A 65 21.68 -39.92 21.12
N TYR A 66 21.14 -38.76 21.48
CA TYR A 66 21.20 -37.58 20.62
C TYR A 66 21.68 -36.43 21.46
N THR A 67 22.42 -35.51 20.85
CA THR A 67 22.78 -34.29 21.54
C THR A 67 22.13 -33.03 20.92
N PHE A 68 21.84 -32.04 21.77
CA PHE A 68 21.13 -30.83 21.36
C PHE A 68 21.67 -29.62 22.09
N ASP A 69 20.99 -28.49 21.91
CA ASP A 69 21.42 -27.22 22.47
C ASP A 69 20.95 -27.16 23.88
N MET A 70 19.78 -27.70 24.08
CA MET A 70 19.22 -27.89 25.39
C MET A 70 18.25 -29.05 25.27
N VAL A 71 17.95 -29.67 26.40
CA VAL A 71 17.11 -30.81 26.51
C VAL A 71 16.34 -30.59 27.78
N PHE A 72 15.02 -30.76 27.73
CA PHE A 72 14.18 -30.52 28.90
C PHE A 72 13.45 -31.80 29.19
N GLY A 73 13.63 -32.39 30.37
CA GLY A 73 12.98 -33.64 30.67
C GLY A 73 11.65 -33.47 31.37
N ALA A 74 11.05 -34.57 31.74
CA ALA A 74 9.68 -34.60 32.25
C ALA A 74 9.37 -33.64 33.36
N SER A 75 10.40 -33.26 34.13
CA SER A 75 10.14 -32.41 35.31
C SER A 75 10.19 -30.90 34.99
N THR A 76 10.59 -30.56 33.77
CA THR A 76 10.66 -29.18 33.33
C THR A 76 9.36 -28.43 33.52
N LYS A 77 9.43 -27.21 34.06
CA LYS A 77 8.23 -26.42 34.18
C LYS A 77 8.13 -25.44 33.00
N GLN A 78 7.01 -24.73 32.93
CA GLN A 78 6.70 -23.92 31.74
C GLN A 78 7.65 -22.74 31.74
N ILE A 79 7.80 -22.17 32.93
CA ILE A 79 8.70 -21.06 33.15
C ILE A 79 10.16 -21.36 32.79
N ASP A 80 10.56 -22.63 32.82
CA ASP A 80 11.92 -22.97 32.39
C ASP A 80 12.08 -22.97 30.88
N VAL A 81 11.02 -23.36 30.17
CA VAL A 81 11.05 -23.31 28.73
C VAL A 81 11.06 -21.85 28.35
N TYR A 82 10.24 -21.03 29.01
CA TYR A 82 10.20 -19.61 28.69
C TYR A 82 11.58 -18.99 28.90
N ARG A 83 12.16 -19.18 30.09
CA ARG A 83 13.46 -18.55 30.39
C ARG A 83 14.53 -18.93 29.39
N SER A 84 14.67 -20.20 29.10
CA SER A 84 15.81 -20.59 28.30
C SER A 84 15.63 -20.37 26.81
N VAL A 85 14.39 -20.46 26.37
CA VAL A 85 14.10 -20.40 24.94
C VAL A 85 13.60 -19.04 24.56
N VAL A 86 12.50 -18.63 25.17
CA VAL A 86 11.79 -17.44 24.71
C VAL A 86 12.49 -16.08 25.01
N CYS A 87 12.93 -15.85 26.24
CA CYS A 87 13.57 -14.58 26.61
C CYS A 87 14.67 -14.06 25.69
N PRO A 88 15.63 -14.90 25.35
CA PRO A 88 16.70 -14.32 24.52
C PRO A 88 16.09 -13.87 23.22
N ILE A 89 15.20 -14.70 22.68
CA ILE A 89 14.55 -14.37 21.44
C ILE A 89 13.71 -13.09 21.53
N LEU A 90 12.85 -12.99 22.53
CA LEU A 90 12.10 -11.77 22.70
C LEU A 90 13.06 -10.56 22.64
N ASP A 91 14.23 -10.68 23.27
CA ASP A 91 15.08 -9.51 23.40
C ASP A 91 15.48 -9.06 22.03
N GLU A 92 15.75 -10.03 21.17
CA GLU A 92 16.19 -9.76 19.81
C GLU A 92 15.06 -9.12 18.99
N VAL A 93 13.83 -9.57 19.22
CA VAL A 93 12.66 -9.04 18.55
C VAL A 93 12.49 -7.56 18.91
N ILE A 94 12.60 -7.27 20.20
CA ILE A 94 12.41 -5.91 20.65
C ILE A 94 13.54 -5.01 20.14
N MET A 95 14.67 -5.60 19.79
CA MET A 95 15.69 -4.81 19.11
C MET A 95 15.30 -4.48 17.67
N GLY A 96 14.19 -5.02 17.17
CA GLY A 96 13.79 -4.77 15.79
C GLY A 96 14.01 -5.90 14.79
N TYR A 97 14.29 -7.10 15.29
CA TYR A 97 14.54 -8.27 14.42
C TYR A 97 13.37 -9.25 14.38
N ASN A 98 13.19 -9.92 13.26
CA ASN A 98 12.15 -10.93 13.19
C ASN A 98 12.63 -12.29 13.60
N CYS A 99 11.90 -12.95 14.49
CA CYS A 99 12.26 -14.31 14.88
C CYS A 99 11.07 -15.30 14.85
N THR A 100 11.39 -16.58 14.92
CA THR A 100 10.43 -17.65 14.81
C THR A 100 10.80 -18.73 15.80
N ILE A 101 9.81 -19.20 16.53
CA ILE A 101 9.94 -20.35 17.38
C ILE A 101 8.90 -21.38 16.94
N PHE A 102 9.33 -22.60 16.66
CA PHE A 102 8.45 -23.72 16.31
C PHE A 102 8.30 -24.74 17.43
N ALA A 103 7.12 -25.30 17.58
CA ALA A 103 6.91 -26.52 18.32
C ALA A 103 6.70 -27.62 17.28
N TYR A 104 7.53 -28.67 17.31
CA TYR A 104 7.44 -29.76 16.33
C TYR A 104 7.35 -31.11 17.03
N GLY A 105 6.40 -31.94 16.64
CA GLY A 105 6.36 -33.33 17.09
C GLY A 105 5.03 -34.04 16.93
N GLN A 106 4.92 -35.22 17.53
CA GLN A 106 3.78 -36.08 17.32
C GLN A 106 2.63 -35.53 18.12
N THR A 107 1.43 -35.77 17.65
CA THR A 107 0.24 -35.31 18.35
C THR A 107 0.17 -35.84 19.77
N GLY A 108 -0.24 -35.00 20.72
CA GLY A 108 -0.23 -35.40 22.13
C GLY A 108 1.15 -35.68 22.74
N THR A 109 2.20 -35.10 22.19
CA THR A 109 3.48 -35.00 22.88
C THR A 109 3.73 -33.67 23.60
N GLY A 110 2.74 -32.79 23.65
CA GLY A 110 2.92 -31.52 24.33
C GLY A 110 3.10 -30.19 23.59
N LYS A 111 2.90 -30.15 22.28
CA LYS A 111 3.02 -28.88 21.52
C LYS A 111 2.02 -27.82 21.96
N THR A 112 0.76 -28.18 22.02
CA THR A 112 -0.20 -27.22 22.52
C THR A 112 0.09 -26.83 23.95
N PHE A 113 0.52 -27.79 24.76
CA PHE A 113 0.85 -27.51 26.15
C PHE A 113 1.98 -26.48 26.21
N THR A 114 3.01 -26.72 25.43
CA THR A 114 4.14 -25.83 25.34
C THR A 114 3.81 -24.44 24.78
N MET A 115 3.11 -24.38 23.63
CA MET A 115 2.81 -23.10 22.98
C MET A 115 1.76 -22.32 23.69
N GLU A 116 0.77 -23.03 24.20
CA GLU A 116 -0.44 -22.38 24.69
C GLU A 116 -0.50 -22.51 26.18
N GLY A 117 -0.47 -23.75 26.64
CA GLY A 117 -0.46 -24.04 28.05
C GLY A 117 -1.89 -24.33 28.43
N GLU A 118 -2.16 -24.33 29.74
CA GLU A 118 -3.47 -24.70 30.27
C GLU A 118 -3.78 -23.79 31.41
N ARG A 119 -5.06 -23.73 31.74
CA ARG A 119 -5.53 -22.94 32.87
C ARG A 119 -5.34 -23.79 34.13
N SER A 120 -4.89 -23.17 35.23
CA SER A 120 -4.83 -23.93 36.49
C SER A 120 -6.22 -24.30 37.02
N PRO A 121 -6.38 -25.56 37.45
CA PRO A 121 -7.61 -26.08 38.07
C PRO A 121 -7.83 -25.17 39.25
N ASN A 122 -9.00 -25.14 39.88
CA ASN A 122 -9.43 -23.86 40.42
C ASN A 122 -9.79 -22.70 39.51
N GLU A 123 -8.96 -21.69 39.24
CA GLU A 123 -9.15 -20.32 39.68
C GLU A 123 -8.15 -19.97 40.78
N GLU A 124 -7.26 -20.90 41.11
CA GLU A 124 -6.08 -20.48 41.86
C GLU A 124 -5.48 -19.16 41.28
N TYR A 125 -4.93 -19.15 40.06
CA TYR A 125 -4.34 -17.88 39.58
C TYR A 125 -5.01 -17.20 38.37
N THR A 126 -4.52 -16.00 38.06
CA THR A 126 -4.81 -15.27 36.82
C THR A 126 -3.84 -15.74 35.76
N TRP A 127 -4.29 -15.78 34.50
CA TRP A 127 -3.44 -16.29 33.42
C TRP A 127 -2.11 -15.58 33.43
N GLU A 128 -2.09 -14.31 33.81
CA GLU A 128 -0.82 -13.62 33.86
C GLU A 128 0.15 -14.31 34.82
N GLU A 129 -0.38 -14.77 35.97
CA GLU A 129 0.41 -15.43 37.02
C GLU A 129 0.34 -16.95 37.02
N ASP A 130 -0.38 -17.55 36.09
CA ASP A 130 -0.62 -18.99 36.14
C ASP A 130 0.61 -19.80 35.68
N PRO A 131 1.15 -20.63 36.59
CA PRO A 131 2.38 -21.40 36.34
C PRO A 131 2.22 -22.39 35.19
N LEU A 132 0.99 -22.67 34.79
CA LEU A 132 0.80 -23.60 33.70
C LEU A 132 0.68 -22.92 32.31
N ALA A 133 0.74 -21.59 32.25
CA ALA A 133 0.72 -20.90 30.96
C ALA A 133 1.89 -21.33 30.07
N GLY A 134 1.66 -21.28 28.75
CA GLY A 134 2.64 -21.73 27.79
C GLY A 134 3.34 -20.55 27.16
N ILE A 135 4.12 -20.79 26.11
CA ILE A 135 4.91 -19.72 25.51
C ILE A 135 4.10 -18.47 25.08
N ILE A 136 2.92 -18.69 24.49
CA ILE A 136 2.16 -17.58 23.91
C ILE A 136 1.70 -16.53 24.93
N PRO A 137 0.95 -16.98 25.93
CA PRO A 137 0.56 -16.02 26.96
C PRO A 137 1.77 -15.39 27.69
N ARG A 138 2.82 -16.15 28.00
CA ARG A 138 3.92 -15.52 28.72
C ARG A 138 4.55 -14.46 27.84
N THR A 139 4.57 -14.73 26.55
CA THR A 139 5.22 -13.85 25.60
C THR A 139 4.51 -12.48 25.45
N LEU A 140 3.18 -12.51 25.41
CA LEU A 140 2.39 -11.30 25.24
C LEU A 140 2.47 -10.46 26.50
N HIS A 141 2.30 -11.12 27.64
CA HIS A 141 2.42 -10.41 28.90
C HIS A 141 3.76 -9.68 28.94
N GLN A 142 4.81 -10.42 28.66
CA GLN A 142 6.14 -9.86 28.74
C GLN A 142 6.32 -8.72 27.76
N ILE A 143 5.71 -8.78 26.59
CA ILE A 143 5.93 -7.71 25.63
C ILE A 143 5.29 -6.43 26.19
N PHE A 144 4.10 -6.57 26.75
CA PHE A 144 3.40 -5.41 27.29
C PHE A 144 4.10 -4.80 28.50
N GLU A 145 4.53 -5.65 29.43
CA GLU A 145 5.27 -5.22 30.61
C GLU A 145 6.61 -4.63 30.23
N LYS A 146 7.27 -5.19 29.24
CA LYS A 146 8.58 -4.69 28.92
C LYS A 146 8.55 -3.31 28.24
N LEU A 147 7.68 -3.13 27.25
CA LEU A 147 7.68 -1.91 26.47
C LEU A 147 7.03 -0.73 27.21
N THR A 148 6.12 -1.06 28.12
CA THR A 148 5.49 -0.10 28.99
C THR A 148 6.53 0.42 29.98
N ASP A 149 7.17 -0.52 30.68
CA ASP A 149 8.29 -0.20 31.54
C ASP A 149 9.29 0.67 30.79
N ASN A 150 9.59 0.33 29.54
CA ASN A 150 10.57 1.04 28.70
CA ASN A 150 10.62 1.09 28.85
C ASN A 150 10.13 2.49 28.48
N GLY A 151 8.84 2.72 28.68
CA GLY A 151 8.36 4.07 28.60
C GLY A 151 8.30 4.66 27.23
N THR A 152 8.78 3.99 26.19
CA THR A 152 8.53 4.61 24.90
C THR A 152 7.25 4.10 24.23
N GLU A 153 6.88 4.72 23.10
CA GLU A 153 5.60 4.49 22.48
C GLU A 153 5.69 3.33 21.51
N PHE A 154 4.65 2.52 21.52
CA PHE A 154 4.72 1.30 20.75
C PHE A 154 3.32 0.85 20.47
N SER A 155 3.17 0.01 19.44
CA SER A 155 1.92 -0.67 19.17
C SER A 155 2.13 -2.17 18.84
N VAL A 156 1.11 -2.96 19.17
CA VAL A 156 1.20 -4.39 19.05
C VAL A 156 0.08 -4.93 18.19
N LYS A 157 0.45 -5.64 17.14
CA LYS A 157 -0.56 -6.34 16.33
C LYS A 157 -0.37 -7.85 16.38
N VAL A 158 -1.50 -8.54 16.31
CA VAL A 158 -1.46 -10.00 16.28
C VAL A 158 -2.32 -10.58 15.15
N SER A 159 -1.84 -11.66 14.57
CA SER A 159 -2.61 -12.40 13.61
C SER A 159 -2.39 -13.88 13.88
N LEU A 160 -3.41 -14.69 13.56
CA LEU A 160 -3.31 -16.14 13.68
C LEU A 160 -3.81 -16.79 12.39
N LEU A 161 -2.91 -17.49 11.73
CA LEU A 161 -3.13 -18.09 10.44
C LEU A 161 -3.10 -19.61 10.62
N GLU A 162 -3.99 -20.34 9.95
CA GLU A 162 -3.90 -21.80 9.90
C GLU A 162 -3.64 -22.23 8.51
N ILE A 163 -2.67 -23.10 8.33
CA ILE A 163 -2.45 -23.71 7.06
C ILE A 163 -2.96 -25.13 7.20
N TYR A 164 -4.10 -25.39 6.55
CA TYR A 164 -4.74 -26.72 6.51
C TYR A 164 -4.93 -27.14 5.06
N ASN A 165 -4.40 -28.30 4.70
CA ASN A 165 -4.40 -28.80 3.32
CA ASN A 165 -4.48 -28.78 3.32
C ASN A 165 -3.94 -27.76 2.30
N GLU A 166 -2.86 -27.08 2.64
CA GLU A 166 -2.27 -26.08 1.76
C GLU A 166 -3.25 -24.93 1.44
N GLU A 167 -4.21 -24.74 2.32
CA GLU A 167 -5.08 -23.57 2.23
C GLU A 167 -4.87 -22.72 3.50
N LEU A 168 -5.02 -21.40 3.34
CA LEU A 168 -4.87 -20.45 4.42
C LEU A 168 -6.20 -20.00 5.03
N PHE A 169 -6.26 -19.92 6.36
CA PHE A 169 -7.46 -19.45 7.05
C PHE A 169 -7.11 -18.49 8.16
N ASP A 170 -8.04 -17.62 8.50
CA ASP A 170 -7.83 -16.61 9.50
C ASP A 170 -8.70 -16.94 10.69
N LEU A 171 -8.07 -17.30 11.80
CA LEU A 171 -8.79 -17.66 12.98
C LEU A 171 -9.14 -16.50 13.87
N LEU A 172 -8.54 -15.34 13.62
CA LEU A 172 -8.84 -14.19 14.47
C LEU A 172 -9.87 -13.26 13.87
N ASN A 173 -10.35 -13.54 12.67
CA ASN A 173 -11.44 -12.77 12.11
C ASN A 173 -12.72 -13.27 12.75
N PRO A 174 -13.38 -12.44 13.56
CA PRO A 174 -14.61 -12.92 14.20
C PRO A 174 -15.71 -13.26 13.21
N SER A 175 -15.91 -12.35 12.28
CA SER A 175 -17.10 -12.38 11.42
C SER A 175 -17.05 -13.48 10.38
N SER A 176 -15.86 -13.79 9.86
CA SER A 176 -15.83 -14.63 8.65
C SER A 176 -16.07 -16.09 8.88
N ASP A 177 -16.60 -16.73 7.87
CA ASP A 177 -16.82 -18.17 7.87
C ASP A 177 -15.51 -18.95 7.99
N VAL A 178 -15.51 -19.98 8.81
CA VAL A 178 -14.32 -20.79 9.05
C VAL A 178 -13.83 -21.45 7.79
N SER A 179 -14.64 -21.45 6.74
CA SER A 179 -14.19 -22.09 5.50
C SER A 179 -13.60 -21.13 4.48
N GLU A 180 -13.53 -19.84 4.80
CA GLU A 180 -13.07 -18.90 3.80
C GLU A 180 -11.56 -19.03 3.66
N ARG A 181 -11.13 -19.35 2.44
CA ARG A 181 -9.74 -19.52 2.09
C ARG A 181 -9.09 -18.19 1.76
N LEU A 182 -7.81 -17.98 2.07
CA LEU A 182 -7.17 -16.73 1.68
C LEU A 182 -6.06 -16.91 0.66
N GLN A 183 -5.81 -15.86 -0.10
CA GLN A 183 -4.82 -15.90 -1.16
C GLN A 183 -3.62 -15.13 -0.69
N MET A 184 -2.46 -15.55 -1.17
CA MET A 184 -1.17 -15.05 -0.74
C MET A 184 -0.48 -14.51 -1.98
N PHE A 185 0.37 -13.52 -1.81
CA PHE A 185 1.11 -12.91 -2.92
C PHE A 185 2.46 -12.45 -2.45
N ASP A 186 3.38 -12.26 -3.35
CA ASP A 186 4.62 -11.64 -2.92
C ASP A 186 4.41 -10.18 -2.56
N ASP A 187 5.16 -9.72 -1.57
CA ASP A 187 5.18 -8.33 -1.23
C ASP A 187 6.25 -7.70 -2.12
N PRO A 188 5.84 -6.81 -3.04
CA PRO A 188 6.70 -6.11 -3.99
C PRO A 188 7.66 -5.13 -3.34
N ARG A 189 7.44 -4.85 -2.06
CA ARG A 189 8.28 -3.91 -1.30
C ARG A 189 9.59 -4.48 -0.80
N ASN A 190 9.70 -5.81 -0.77
CA ASN A 190 10.88 -6.48 -0.23
C ASN A 190 10.99 -7.90 -0.79
N LYS A 191 12.15 -8.53 -0.68
CA LYS A 191 12.27 -9.81 -1.39
C LYS A 191 11.61 -10.95 -0.63
N ARG A 192 11.68 -10.86 0.70
CA ARG A 192 11.31 -11.99 1.54
C ARG A 192 9.88 -12.01 2.08
N GLY A 193 9.16 -10.90 1.95
CA GLY A 193 7.83 -10.72 2.51
C GLY A 193 6.71 -11.21 1.61
N VAL A 194 5.59 -11.57 2.22
CA VAL A 194 4.39 -11.92 1.49
C VAL A 194 3.22 -11.15 2.01
N ILE A 195 2.19 -11.10 1.19
CA ILE A 195 0.94 -10.54 1.60
C ILE A 195 -0.12 -11.63 1.55
N ILE A 196 -0.81 -11.82 2.66
CA ILE A 196 -1.94 -12.73 2.68
C ILE A 196 -3.20 -11.87 2.66
N LYS A 197 -3.85 -11.85 1.49
CA LYS A 197 -4.89 -10.88 1.29
C LYS A 197 -6.04 -11.18 2.23
N GLY A 198 -6.37 -10.17 3.02
CA GLY A 198 -7.44 -10.29 3.99
C GLY A 198 -7.08 -10.84 5.37
N LEU A 199 -5.82 -11.18 5.66
CA LEU A 199 -5.51 -11.70 6.98
C LEU A 199 -5.67 -10.54 7.95
N GLU A 200 -6.49 -10.71 8.97
CA GLU A 200 -6.63 -9.61 9.93
C GLU A 200 -5.43 -9.54 10.81
N GLU A 201 -5.01 -8.32 11.11
CA GLU A 201 -4.00 -8.05 12.12
C GLU A 201 -4.63 -7.09 13.07
N ILE A 202 -4.90 -7.56 14.27
CA ILE A 202 -5.70 -6.86 15.24
C ILE A 202 -4.74 -6.11 16.12
N THR A 203 -4.92 -4.80 16.20
CA THR A 203 -4.19 -3.99 17.12
C THR A 203 -4.63 -4.31 18.57
N VAL A 204 -3.70 -4.68 19.44
CA VAL A 204 -4.06 -4.88 20.85
C VAL A 204 -3.38 -3.88 21.74
N HIS A 205 -4.20 -3.17 22.50
CA HIS A 205 -3.68 -2.06 23.31
C HIS A 205 -3.20 -2.45 24.71
N ASN A 206 -3.60 -3.61 25.20
CA ASN A 206 -3.18 -4.12 26.51
C ASN A 206 -3.36 -5.62 26.63
N LYS A 207 -2.73 -6.19 27.63
CA LYS A 207 -2.83 -7.61 27.95
C LYS A 207 -4.25 -8.18 28.00
N ASP A 208 -5.21 -7.38 28.44
CA ASP A 208 -6.59 -7.84 28.61
C ASP A 208 -7.34 -8.10 27.29
N GLU A 209 -6.94 -7.36 26.25
CA GLU A 209 -7.56 -7.46 24.94
C GLU A 209 -7.10 -8.71 24.25
N VAL A 210 -5.88 -9.13 24.61
CA VAL A 210 -5.29 -10.36 24.13
C VAL A 210 -6.14 -11.56 24.48
N TYR A 211 -6.60 -11.60 25.72
CA TYR A 211 -7.29 -12.79 26.22
C TYR A 211 -8.57 -12.92 25.41
N GLN A 212 -9.30 -11.81 25.28
CA GLN A 212 -10.56 -11.81 24.56
C GLN A 212 -10.34 -12.30 23.15
N ILE A 213 -9.32 -11.75 22.51
CA ILE A 213 -9.04 -12.10 21.12
C ILE A 213 -8.70 -13.54 20.91
N LEU A 214 -7.90 -14.09 21.81
CA LEU A 214 -7.52 -15.51 21.68
C LEU A 214 -8.67 -16.48 22.06
N GLU A 215 -9.58 -16.04 22.92
CA GLU A 215 -10.66 -16.91 23.35
C GLU A 215 -11.62 -17.11 22.20
N LYS A 216 -11.91 -16.00 21.51
CA LYS A 216 -12.74 -16.04 20.29
C LYS A 216 -12.08 -16.89 19.23
N GLY A 217 -10.78 -16.69 19.04
CA GLY A 217 -10.02 -17.58 18.19
C GLY A 217 -10.09 -19.05 18.58
N ALA A 218 -10.12 -19.34 19.88
CA ALA A 218 -10.24 -20.73 20.29
C ALA A 218 -11.58 -21.35 19.81
N ALA A 219 -12.69 -20.66 20.04
CA ALA A 219 -14.00 -21.15 19.55
C ALA A 219 -14.02 -21.35 18.06
N LYS A 220 -13.61 -20.33 17.33
CA LYS A 220 -13.54 -20.45 15.90
C LYS A 220 -12.62 -21.60 15.48
N ARG A 221 -11.54 -21.83 16.20
CA ARG A 221 -10.72 -23.04 15.93
C ARG A 221 -11.50 -24.33 16.22
N THR A 222 -12.17 -24.35 17.37
CA THR A 222 -13.07 -25.44 17.76
C THR A 222 -14.19 -25.72 16.74
N THR A 223 -15.01 -24.71 16.41
CA THR A 223 -16.00 -24.90 15.34
C THR A 223 -15.40 -25.36 14.00
N ALA A 224 -14.16 -25.01 13.70
CA ALA A 224 -13.55 -25.37 12.42
C ALA A 224 -13.01 -26.76 12.45
N ALA A 225 -12.82 -27.27 13.66
CA ALA A 225 -12.33 -28.64 13.78
C ALA A 225 -13.52 -29.55 13.47
N THR A 226 -14.67 -29.19 14.05
CA THR A 226 -15.94 -29.89 13.85
C THR A 226 -16.28 -30.05 12.36
N LEU A 227 -15.79 -29.14 11.52
CA LEU A 227 -16.02 -29.26 10.08
C LEU A 227 -15.00 -30.15 9.40
N MET A 228 -13.78 -29.66 9.25
CA MET A 228 -12.81 -30.40 8.45
C MET A 228 -12.04 -31.37 9.33
N ASN A 229 -12.20 -32.66 9.05
CA ASN A 229 -11.72 -33.73 9.93
C ASN A 229 -10.16 -33.77 10.02
N ALA A 230 -9.59 -34.41 11.06
CA ALA A 230 -8.27 -33.97 11.53
C ALA A 230 -8.38 -32.52 12.01
N TYR A 231 -7.84 -31.57 11.24
CA TYR A 231 -7.54 -30.22 11.71
C TYR A 231 -6.36 -30.06 12.67
N SER A 232 -6.56 -29.63 13.91
CA SER A 232 -5.41 -29.19 14.72
C SER A 232 -4.17 -30.13 14.64
N SER A 233 -4.39 -31.45 14.64
CA SER A 233 -3.31 -32.36 14.30
C SER A 233 -2.83 -32.31 12.82
N ARG A 234 -3.71 -31.91 11.90
CA ARG A 234 -3.33 -31.82 10.48
C ARG A 234 -2.94 -30.41 9.97
N SER A 235 -3.06 -29.40 10.82
CA SER A 235 -2.70 -28.06 10.37
C SER A 235 -1.54 -27.35 11.08
N HIS A 236 -0.81 -26.55 10.31
CA HIS A 236 0.12 -25.63 10.88
C HIS A 236 -0.58 -24.40 11.41
N SER A 237 -0.16 -23.97 12.59
CA SER A 237 -0.70 -22.81 13.22
C SER A 237 0.38 -21.72 13.33
N VAL A 238 0.16 -20.61 12.65
CA VAL A 238 1.10 -19.49 12.72
C VAL A 238 0.55 -18.23 13.41
N PHE A 239 1.13 -17.98 14.59
CA PHE A 239 0.75 -16.88 15.43
C PHE A 239 1.81 -15.78 15.32
N SER A 240 1.42 -14.60 14.86
CA SER A 240 2.41 -13.52 14.74
C SER A 240 2.11 -12.31 15.58
N VAL A 241 3.13 -11.87 16.29
CA VAL A 241 3.11 -10.60 16.97
C VAL A 241 4.05 -9.63 16.29
N THR A 242 3.50 -8.48 15.89
CA THR A 242 4.28 -7.38 15.33
C THR A 242 4.32 -6.17 16.24
N ILE A 243 5.51 -5.67 16.51
CA ILE A 243 5.67 -4.53 17.42
C ILE A 243 6.31 -3.39 16.69
N HIS A 244 5.64 -2.24 16.71
CA HIS A 244 6.25 -1.01 16.16
C HIS A 244 6.73 -0.17 17.32
N MET A 245 8.01 0.17 17.34
CA MET A 245 8.56 0.97 18.44
C MET A 245 9.21 2.28 17.98
N LYS A 246 8.72 3.40 18.50
CA LYS A 246 9.29 4.73 18.21
C LYS A 246 10.58 5.07 18.98
N GLU A 247 11.58 5.62 18.27
CA GLU A 247 12.83 6.07 18.90
C GLU A 247 13.18 7.52 18.56
N THR A 248 14.28 7.99 19.17
CA THR A 248 15.02 9.21 18.79
C THR A 248 16.49 9.04 19.15
N GLU A 253 17.41 12.23 16.30
CA GLU A 253 16.83 11.59 15.12
C GLU A 253 15.69 10.64 15.51
N GLU A 254 14.53 10.81 14.89
CA GLU A 254 13.32 10.07 15.27
C GLU A 254 13.07 8.85 14.38
N LEU A 255 12.92 7.68 14.98
CA LEU A 255 12.87 6.45 14.18
C LEU A 255 11.81 5.43 14.66
N VAL A 256 11.32 4.60 13.75
CA VAL A 256 10.53 3.44 14.13
C VAL A 256 11.37 2.19 14.01
N LYS A 257 11.51 1.42 15.10
CA LYS A 257 11.97 0.04 14.90
C LYS A 257 10.81 -0.96 14.93
N ILE A 258 10.96 -2.00 14.13
CA ILE A 258 9.87 -2.93 13.93
C ILE A 258 10.37 -4.32 14.27
N GLY A 259 9.85 -4.90 15.34
CA GLY A 259 10.04 -6.32 15.52
C GLY A 259 8.86 -7.21 15.20
N LYS A 260 9.16 -8.46 14.90
CA LYS A 260 8.12 -9.43 14.66
C LYS A 260 8.52 -10.78 15.21
N LEU A 261 7.57 -11.43 15.85
CA LEU A 261 7.81 -12.75 16.36
C LEU A 261 6.76 -13.73 15.84
N ASN A 262 7.18 -14.82 15.20
CA ASN A 262 6.28 -15.93 14.85
C ASN A 262 6.34 -17.11 15.82
N LEU A 263 5.19 -17.53 16.28
CA LEU A 263 5.08 -18.71 17.10
C LEU A 263 4.28 -19.78 16.34
N VAL A 264 4.98 -20.82 15.94
CA VAL A 264 4.47 -21.76 14.97
C VAL A 264 4.30 -23.14 15.54
N ASP A 265 3.05 -23.57 15.64
CA ASP A 265 2.73 -24.88 16.20
C ASP A 265 2.45 -25.75 14.96
N LEU A 266 3.41 -26.59 14.61
CA LEU A 266 3.38 -27.37 13.37
C LEU A 266 2.34 -28.50 13.45
N ALA A 267 1.98 -29.03 12.29
CA ALA A 267 1.08 -30.18 12.24
C ALA A 267 1.84 -31.40 12.73
N GLY A 268 1.09 -32.37 13.28
CA GLY A 268 1.68 -33.58 13.79
C GLY A 268 2.70 -34.19 12.85
N SER A 269 3.77 -34.71 13.43
CA SER A 269 4.84 -35.34 12.69
C SER A 269 4.55 -36.81 12.30
N GLU A 270 3.57 -37.43 12.94
CA GLU A 270 3.22 -38.81 12.64
C GLU A 270 2.80 -38.91 11.19
N ASN A 271 3.40 -39.91 10.50
CA ASN A 271 3.34 -40.09 9.03
C ASN A 271 4.68 -39.74 8.38
N ARG A 281 -8.66 -39.15 4.70
CA ARG A 281 -7.84 -39.30 3.51
C ARG A 281 -6.36 -39.34 3.86
N ALA A 282 -5.58 -39.98 2.99
CA ALA A 282 -4.12 -40.01 3.10
C ALA A 282 -3.45 -38.93 2.23
N ARG A 283 -4.26 -38.10 1.57
CA ARG A 283 -3.75 -37.09 0.64
C ARG A 283 -3.10 -35.90 1.35
N GLU A 284 -3.80 -35.33 2.34
CA GLU A 284 -3.25 -34.25 3.14
C GLU A 284 -2.02 -34.77 3.88
N ALA A 285 -2.14 -35.98 4.42
CA ALA A 285 -1.03 -36.64 5.11
C ALA A 285 0.26 -36.64 4.27
N GLY A 286 0.15 -37.03 3.00
CA GLY A 286 1.27 -36.95 2.09
C GLY A 286 1.80 -35.54 2.04
N ASN A 287 0.89 -34.56 2.03
CA ASN A 287 1.26 -33.16 1.87
C ASN A 287 1.79 -32.45 3.13
N ILE A 288 1.14 -32.71 4.28
CA ILE A 288 1.64 -32.19 5.55
C ILE A 288 3.14 -32.51 5.66
N ASN A 289 3.44 -33.78 5.40
CA ASN A 289 4.78 -34.34 5.37
C ASN A 289 5.69 -33.55 4.41
N GLN A 290 5.12 -33.10 3.29
CA GLN A 290 5.84 -32.33 2.27
C GLN A 290 6.45 -31.03 2.86
N SER A 291 5.60 -30.18 3.44
CA SER A 291 6.00 -28.90 4.04
C SER A 291 6.97 -29.08 5.22
N LEU A 292 6.57 -29.98 6.11
CA LEU A 292 7.35 -30.39 7.27
C LEU A 292 8.71 -30.81 6.76
N LEU A 293 8.69 -31.57 5.67
CA LEU A 293 9.92 -32.06 5.07
C LEU A 293 10.75 -30.90 4.55
N THR A 294 10.13 -30.03 3.77
CA THR A 294 10.89 -28.92 3.18
C THR A 294 11.32 -27.88 4.24
N LEU A 295 10.46 -27.69 5.24
CA LEU A 295 10.86 -26.93 6.42
C LEU A 295 12.19 -27.48 6.98
N GLY A 296 12.27 -28.80 7.12
CA GLY A 296 13.52 -29.43 7.52
C GLY A 296 14.61 -29.05 6.53
N ARG A 297 14.32 -29.21 5.24
CA ARG A 297 15.32 -28.90 4.23
C ARG A 297 15.83 -27.48 4.46
N VAL A 298 14.89 -26.52 4.55
CA VAL A 298 15.23 -25.12 4.79
C VAL A 298 16.09 -24.91 6.02
N ILE A 299 15.73 -25.53 7.14
CA ILE A 299 16.52 -25.32 8.36
C ILE A 299 17.98 -25.82 8.23
N THR A 300 18.14 -27.04 7.74
CA THR A 300 19.47 -27.54 7.44
C THR A 300 20.21 -26.53 6.57
N ALA A 301 19.57 -26.11 5.47
CA ALA A 301 20.19 -25.18 4.54
C ALA A 301 20.74 -23.97 5.29
N LEU A 302 20.04 -23.58 6.34
CA LEU A 302 20.43 -22.40 7.12
C LEU A 302 21.54 -22.68 8.13
N VAL A 303 21.50 -23.84 8.77
CA VAL A 303 22.56 -24.21 9.71
C VAL A 303 23.92 -24.41 9.04
N GLU A 304 23.97 -25.27 8.04
CA GLU A 304 25.15 -25.42 7.19
C GLU A 304 24.85 -24.75 5.85
N ARG A 305 25.54 -23.65 5.49
CA ARG A 305 24.90 -22.78 4.48
C ARG A 305 24.99 -23.33 3.06
N THR A 306 23.83 -23.65 2.51
CA THR A 306 23.69 -24.02 1.10
C THR A 306 23.28 -22.77 0.33
N PRO A 307 23.83 -22.58 -0.87
CA PRO A 307 23.50 -21.37 -1.63
C PRO A 307 22.00 -21.08 -1.79
N HIS A 308 21.17 -22.06 -2.13
CA HIS A 308 19.76 -21.73 -2.37
C HIS A 308 18.76 -22.43 -1.46
N VAL A 309 18.18 -21.66 -0.56
CA VAL A 309 17.32 -22.19 0.49
C VAL A 309 15.91 -22.25 -0.08
N PRO A 310 15.35 -23.47 -0.16
CA PRO A 310 14.11 -23.66 -0.92
C PRO A 310 12.83 -23.09 -0.24
N TYR A 311 12.88 -21.82 0.19
CA TYR A 311 11.74 -21.19 0.88
C TYR A 311 10.47 -21.40 0.07
N ARG A 312 10.59 -21.38 -1.24
CA ARG A 312 9.41 -21.23 -2.07
C ARG A 312 8.68 -22.53 -2.27
N GLU A 313 9.20 -23.60 -1.66
CA GLU A 313 8.68 -24.93 -1.95
C GLU A 313 7.55 -25.36 -1.01
N SER A 314 7.12 -24.46 -0.11
CA SER A 314 5.85 -24.62 0.60
C SER A 314 5.26 -23.29 1.01
N LYS A 315 3.94 -23.29 1.22
CA LYS A 315 3.29 -22.11 1.76
C LYS A 315 3.87 -21.64 3.09
N LEU A 316 4.18 -22.61 3.95
CA LEU A 316 4.73 -22.32 5.26
C LEU A 316 6.09 -21.63 5.22
N THR A 317 7.03 -22.19 4.47
CA THR A 317 8.33 -21.55 4.28
C THR A 317 8.33 -20.20 3.50
N ARG A 318 7.44 -20.02 2.53
CA ARG A 318 7.29 -18.69 1.90
C ARG A 318 6.91 -17.68 3.00
N ILE A 319 5.90 -18.05 3.76
CA ILE A 319 5.35 -17.21 4.83
C ILE A 319 6.36 -16.91 5.92
N LEU A 320 7.17 -17.90 6.27
CA LEU A 320 8.11 -17.68 7.35
C LEU A 320 9.39 -17.04 6.83
N GLN A 321 9.50 -16.89 5.51
CA GLN A 321 10.75 -16.37 4.96
C GLN A 321 11.25 -15.04 5.57
N ASP A 322 10.34 -14.12 5.86
CA ASP A 322 10.67 -12.84 6.48
CA ASP A 322 10.67 -12.85 6.50
C ASP A 322 11.46 -13.01 7.80
N SER A 323 11.12 -14.02 8.56
CA SER A 323 11.73 -14.32 9.87
C SER A 323 12.79 -15.41 9.93
N LEU A 324 13.17 -15.96 8.79
CA LEU A 324 14.18 -17.04 8.74
C LEU A 324 15.50 -16.47 8.21
N GLY A 325 15.47 -15.94 7.00
CA GLY A 325 16.56 -15.07 6.57
C GLY A 325 16.75 -13.89 7.53
N GLY A 326 17.95 -13.30 7.49
CA GLY A 326 18.32 -12.14 8.31
C GLY A 326 19.26 -12.38 9.49
N ARG A 327 19.43 -11.35 10.34
CA ARG A 327 19.99 -11.61 11.67
C ARG A 327 18.76 -12.01 12.47
N THR A 328 18.78 -13.25 12.93
CA THR A 328 17.57 -13.79 13.50
C THR A 328 17.96 -14.83 14.53
N ARG A 329 17.22 -14.91 15.63
CA ARG A 329 17.33 -16.09 16.47
C ARG A 329 16.15 -16.99 16.05
N THR A 330 16.45 -18.17 15.51
CA THR A 330 15.40 -19.14 15.24
C THR A 330 15.48 -20.27 16.23
N SER A 331 14.37 -20.73 16.73
CA SER A 331 14.42 -21.88 17.61
C SER A 331 13.34 -22.94 17.35
N ILE A 332 13.70 -24.20 17.51
CA ILE A 332 12.74 -25.27 17.29
C ILE A 332 12.67 -26.04 18.55
N ILE A 333 11.48 -26.24 19.08
CA ILE A 333 11.28 -27.08 20.22
C ILE A 333 10.58 -28.40 19.79
N ALA A 334 11.31 -29.52 19.85
CA ALA A 334 10.81 -30.81 19.39
C ALA A 334 10.27 -31.51 20.60
N THR A 335 9.00 -31.87 20.58
CA THR A 335 8.38 -32.47 21.74
C THR A 335 8.29 -33.99 21.56
N ILE A 336 8.40 -34.76 22.65
CA ILE A 336 8.36 -36.22 22.55
C ILE A 336 7.66 -36.83 23.77
N SER A 337 7.04 -37.99 23.57
CA SER A 337 6.51 -38.79 24.68
C SER A 337 7.58 -39.78 25.17
N PRO A 338 7.60 -40.05 26.48
CA PRO A 338 8.49 -41.04 27.10
C PRO A 338 8.06 -42.49 26.85
N ALA A 339 6.76 -42.71 26.65
CA ALA A 339 6.22 -44.09 26.57
C ALA A 339 6.67 -44.93 25.39
N SER A 340 6.75 -46.22 25.69
CA SER A 340 6.95 -47.31 24.76
C SER A 340 5.91 -47.40 23.61
N LEU A 341 4.63 -47.13 23.92
CA LEU A 341 3.58 -47.11 22.89
C LEU A 341 3.97 -46.21 21.73
N ASN A 342 4.73 -45.16 22.02
CA ASN A 342 5.15 -44.10 21.09
C ASN A 342 6.52 -44.18 20.41
N LEU A 343 7.23 -45.28 20.55
CA LEU A 343 8.64 -45.33 20.15
C LEU A 343 8.98 -44.76 18.79
N GLU A 344 8.16 -45.15 17.84
CA GLU A 344 8.45 -45.03 16.43
C GLU A 344 8.41 -43.55 16.05
N GLU A 345 7.33 -42.93 16.49
CA GLU A 345 7.09 -41.51 16.33
C GLU A 345 8.24 -40.78 16.99
N THR A 346 8.48 -41.16 18.25
CA THR A 346 9.53 -40.56 19.08
C THR A 346 10.89 -40.53 18.40
N LEU A 347 11.26 -41.61 17.75
CA LEU A 347 12.56 -41.63 17.08
C LEU A 347 12.59 -40.79 15.82
N SER A 348 11.45 -40.65 15.17
CA SER A 348 11.43 -39.89 13.93
C SER A 348 11.68 -38.46 14.34
N THR A 349 10.95 -38.01 15.35
CA THR A 349 11.00 -36.64 15.82
C THR A 349 12.46 -36.32 16.08
N LEU A 350 13.14 -37.13 16.91
CA LEU A 350 14.53 -36.86 17.27
C LEU A 350 15.38 -36.87 16.03
N GLU A 351 15.19 -37.89 15.21
CA GLU A 351 15.91 -37.95 13.94
C GLU A 351 15.64 -36.65 13.15
N TYR A 352 14.37 -36.26 13.05
CA TYR A 352 14.05 -35.00 12.40
C TYR A 352 14.83 -33.82 13.00
N ALA A 353 14.84 -33.72 14.31
CA ALA A 353 15.55 -32.63 14.96
C ALA A 353 17.08 -32.65 14.73
N HIS A 354 17.67 -33.85 14.67
CA HIS A 354 19.12 -34.00 14.53
C HIS A 354 19.50 -33.70 13.11
N ARG A 355 18.72 -34.26 12.18
CA ARG A 355 18.83 -33.94 10.77
C ARG A 355 18.84 -32.42 10.52
N ALA A 356 17.96 -31.70 11.20
CA ALA A 356 17.86 -30.26 10.98
C ALA A 356 19.13 -29.50 11.41
N LYS A 357 19.63 -29.79 12.60
CA LYS A 357 20.95 -29.32 12.98
C LYS A 357 21.76 -30.50 13.59
N ASN A 358 22.84 -30.91 12.91
CA ASN A 358 23.60 -32.09 13.33
C ASN A 358 24.74 -31.73 14.25
N ILE A 359 24.57 -32.10 15.51
CA ILE A 359 25.59 -31.89 16.51
C ILE A 359 26.16 -33.28 16.74
N LEU A 360 27.11 -33.40 17.65
CA LEU A 360 27.87 -34.62 17.82
C LEU A 360 27.88 -35.01 19.29
N ASN A 361 27.82 -36.30 19.60
CA ASN A 361 27.80 -36.71 20.99
C ASN A 361 29.16 -36.52 21.68
N LYS A 362 29.10 -36.20 22.97
CA LYS A 362 30.30 -36.05 23.82
C LYS A 362 30.67 -37.42 24.43
N PRO A 363 31.96 -37.59 24.82
CA PRO A 363 32.53 -38.82 25.37
C PRO A 363 31.49 -39.89 25.72
N LYS B 17 8.91 30.93 -22.87
CA LYS B 17 7.62 30.22 -22.95
C LYS B 17 7.82 28.70 -22.89
N ASN B 18 8.56 28.17 -23.86
CA ASN B 18 8.92 26.76 -23.83
C ASN B 18 10.13 26.48 -22.90
N ILE B 19 10.79 27.55 -22.45
CA ILE B 19 11.89 27.43 -21.51
C ILE B 19 11.45 28.00 -20.19
N GLN B 20 11.21 27.11 -19.22
CA GLN B 20 10.80 27.51 -17.88
C GLN B 20 12.00 27.46 -16.97
N VAL B 21 12.15 28.44 -16.10
CA VAL B 21 13.17 28.38 -15.08
C VAL B 21 12.47 28.47 -13.72
N VAL B 22 12.60 27.42 -12.92
CA VAL B 22 12.02 27.42 -11.58
C VAL B 22 13.14 27.24 -10.54
N VAL B 23 12.90 27.74 -9.32
CA VAL B 23 13.84 27.51 -8.23
C VAL B 23 13.16 26.66 -7.18
N ARG B 24 13.93 25.78 -6.55
CA ARG B 24 13.47 25.09 -5.36
C ARG B 24 14.49 25.19 -4.25
N CYS B 25 14.02 25.71 -3.11
CA CYS B 25 14.82 25.85 -1.90
C CYS B 25 14.56 24.64 -1.01
N ARG B 26 15.63 24.04 -0.46
CA ARG B 26 15.48 22.87 0.41
C ARG B 26 15.36 23.22 1.90
N PRO B 27 14.76 22.29 2.70
CA PRO B 27 14.77 22.28 4.16
C PRO B 27 16.15 22.14 4.75
N PHE B 28 16.37 22.68 5.95
CA PHE B 28 17.69 22.66 6.58
C PHE B 28 18.08 21.24 7.01
N ASN B 29 19.26 21.09 7.63
CA ASN B 29 19.63 19.90 8.43
C ASN B 29 21.12 19.55 8.51
N ALA B 37 18.22 28.16 14.51
CA ALA B 37 18.50 27.84 13.11
C ALA B 37 18.33 29.05 12.18
N HIS B 38 19.33 29.29 11.33
CA HIS B 38 19.49 30.56 10.62
C HIS B 38 19.05 30.54 9.16
N SER B 39 17.90 31.15 8.84
CA SER B 39 17.37 31.12 7.47
C SER B 39 17.59 32.43 6.71
N ILE B 40 18.46 32.38 5.70
CA ILE B 40 18.89 33.57 4.94
C ILE B 40 18.12 33.78 3.63
N VAL B 41 17.16 32.91 3.36
CA VAL B 41 16.44 32.91 2.08
C VAL B 41 14.98 33.35 2.29
N GLU B 42 14.18 33.30 1.22
CA GLU B 42 12.71 33.24 1.34
C GLU B 42 12.07 33.14 -0.05
N CYS B 43 10.90 32.49 -0.12
CA CYS B 43 10.27 32.13 -1.40
C CYS B 43 8.76 32.28 -1.34
N ASP B 44 8.20 33.05 -2.27
CA ASP B 44 6.76 33.18 -2.33
C ASP B 44 6.26 32.61 -3.64
N PRO B 45 5.57 31.47 -3.57
CA PRO B 45 5.02 30.77 -4.76
C PRO B 45 4.05 31.62 -5.59
N VAL B 46 3.12 32.31 -4.92
CA VAL B 46 2.11 33.10 -5.60
C VAL B 46 2.72 34.27 -6.38
N ARG B 47 3.68 34.95 -5.75
CA ARG B 47 4.40 36.06 -6.39
C ARG B 47 5.66 35.59 -7.13
N LYS B 48 5.87 34.27 -7.16
CA LYS B 48 6.93 33.62 -7.95
C LYS B 48 8.31 34.25 -7.75
N GLU B 49 8.64 34.52 -6.48
CA GLU B 49 9.83 35.28 -6.13
C GLU B 49 10.68 34.61 -5.08
N VAL B 50 11.99 34.71 -5.24
CA VAL B 50 12.93 34.27 -4.21
C VAL B 50 13.65 35.50 -3.68
N SER B 51 13.70 35.63 -2.35
CA SER B 51 14.38 36.76 -1.71
C SER B 51 15.49 36.26 -0.80
N VAL B 52 16.69 36.77 -0.98
CA VAL B 52 17.81 36.43 -0.11
C VAL B 52 18.21 37.65 0.70
N LYS B 64 18.00 40.75 -1.48
CA LYS B 64 18.20 40.53 -2.90
C LYS B 64 17.09 39.64 -3.45
N THR B 65 16.52 40.04 -4.59
CA THR B 65 15.27 39.43 -5.09
C THR B 65 15.21 39.14 -6.60
N TYR B 66 14.70 37.96 -6.94
CA TYR B 66 14.60 37.51 -8.32
C TYR B 66 13.24 36.95 -8.60
N THR B 67 12.84 36.95 -9.86
CA THR B 67 11.56 36.40 -10.28
C THR B 67 11.76 35.28 -11.30
N PHE B 68 10.97 34.22 -11.16
CA PHE B 68 11.12 33.03 -11.99
C PHE B 68 9.78 32.59 -12.57
N ASP B 69 9.76 31.43 -13.24
CA ASP B 69 8.51 30.87 -13.73
C ASP B 69 7.71 30.20 -12.60
N MET B 70 8.42 29.63 -11.63
CA MET B 70 7.84 29.07 -10.39
C MET B 70 8.85 29.11 -9.25
N VAL B 71 8.36 29.07 -8.01
CA VAL B 71 9.24 28.97 -6.82
C VAL B 71 8.71 28.02 -5.74
N PHE B 72 9.60 27.19 -5.19
CA PHE B 72 9.24 26.17 -4.20
C PHE B 72 10.05 26.37 -2.91
N GLY B 73 9.34 26.55 -1.80
CA GLY B 73 10.01 26.76 -0.51
C GLY B 73 10.30 25.44 0.16
N ALA B 74 11.11 25.46 1.22
CA ALA B 74 11.57 24.23 1.88
C ALA B 74 10.47 23.21 2.15
N SER B 75 9.30 23.67 2.56
CA SER B 75 8.20 22.78 2.89
C SER B 75 7.81 21.93 1.69
N THR B 76 8.21 22.39 0.50
CA THR B 76 7.73 21.80 -0.76
C THR B 76 8.08 20.32 -0.90
N LYS B 77 7.22 19.60 -1.59
CA LYS B 77 7.27 18.15 -1.60
C LYS B 77 7.45 17.56 -3.01
N GLN B 78 8.14 16.42 -3.06
CA GLN B 78 8.57 15.80 -4.32
C GLN B 78 7.42 15.74 -5.32
N ILE B 79 6.25 15.29 -4.85
CA ILE B 79 5.05 15.18 -5.68
C ILE B 79 4.62 16.55 -6.28
N ASP B 80 4.95 17.63 -5.58
CA ASP B 80 4.52 18.96 -6.01
C ASP B 80 5.34 19.36 -7.24
N VAL B 81 6.65 19.41 -7.01
CA VAL B 81 7.64 19.63 -8.04
C VAL B 81 7.26 18.81 -9.27
N TYR B 82 6.88 17.55 -9.05
CA TYR B 82 6.62 16.71 -10.19
C TYR B 82 5.43 17.16 -11.05
N ARG B 83 4.30 17.43 -10.41
CA ARG B 83 3.07 17.75 -11.15
C ARG B 83 3.04 19.18 -11.76
N SER B 84 3.85 20.08 -11.20
CA SER B 84 3.97 21.42 -11.74
C SER B 84 5.03 21.46 -12.86
N VAL B 85 6.30 21.33 -12.52
CA VAL B 85 7.35 21.26 -13.55
C VAL B 85 7.23 20.11 -14.57
N VAL B 86 7.40 18.87 -14.12
CA VAL B 86 7.63 17.72 -14.99
C VAL B 86 6.44 17.25 -15.83
N CYS B 87 5.28 17.17 -15.18
CA CYS B 87 4.08 16.56 -15.77
C CYS B 87 3.62 17.17 -17.11
N PRO B 88 3.56 18.52 -17.20
CA PRO B 88 3.21 19.19 -18.47
C PRO B 88 4.19 18.87 -19.60
N ILE B 89 5.48 18.81 -19.26
CA ILE B 89 6.55 18.44 -20.18
C ILE B 89 6.40 17.01 -20.71
N LEU B 90 5.93 16.10 -19.86
CA LEU B 90 5.78 14.72 -20.28
C LEU B 90 4.58 14.52 -21.21
N ASP B 91 3.54 15.35 -21.05
CA ASP B 91 2.43 15.36 -22.01
C ASP B 91 2.98 15.64 -23.41
N GLU B 92 3.82 16.68 -23.51
CA GLU B 92 4.50 17.04 -24.74
C GLU B 92 5.33 15.88 -25.30
N VAL B 93 6.13 15.27 -24.43
CA VAL B 93 6.93 14.11 -24.78
C VAL B 93 6.06 13.01 -25.33
N ILE B 94 4.84 12.89 -24.83
CA ILE B 94 4.01 11.75 -25.25
C ILE B 94 3.37 12.07 -26.59
N MET B 95 3.47 13.34 -26.96
CA MET B 95 3.00 13.77 -28.29
C MET B 95 4.01 13.40 -29.40
N GLY B 96 5.20 12.94 -29.04
CA GLY B 96 6.27 12.77 -30.01
C GLY B 96 7.27 13.93 -30.09
N TYR B 97 7.40 14.67 -28.99
CA TYR B 97 8.42 15.71 -28.90
C TYR B 97 9.63 15.25 -28.11
N ASN B 98 10.64 16.11 -28.03
CA ASN B 98 11.87 15.74 -27.38
C ASN B 98 12.24 16.79 -26.34
N CYS B 99 12.17 16.47 -25.05
CA CYS B 99 12.39 17.51 -24.02
C CYS B 99 13.43 17.18 -22.95
N THR B 100 13.84 18.23 -22.26
CA THR B 100 14.97 18.15 -21.38
C THR B 100 14.66 18.96 -20.19
N ILE B 101 15.03 18.44 -19.02
CA ILE B 101 14.83 19.08 -17.74
C ILE B 101 16.15 19.02 -17.02
N PHE B 102 16.66 20.17 -16.60
CA PHE B 102 17.95 20.21 -15.92
C PHE B 102 17.75 20.44 -14.46
N ALA B 103 18.65 19.92 -13.63
CA ALA B 103 18.73 20.30 -12.23
C ALA B 103 20.09 20.98 -12.07
N TYR B 104 20.07 22.24 -11.66
CA TYR B 104 21.31 23.02 -11.56
C TYR B 104 21.47 23.46 -10.12
N GLY B 105 22.72 23.54 -9.65
CA GLY B 105 22.99 24.08 -8.32
C GLY B 105 24.25 23.52 -7.70
N GLN B 106 24.53 23.88 -6.44
CA GLN B 106 25.68 23.29 -5.76
C GLN B 106 25.32 22.04 -4.97
N THR B 107 26.36 21.45 -4.40
CA THR B 107 26.26 20.21 -3.64
C THR B 107 25.67 20.47 -2.27
N GLY B 108 24.65 19.69 -1.91
CA GLY B 108 23.91 19.91 -0.68
C GLY B 108 22.56 20.57 -0.88
N THR B 109 22.23 21.01 -2.09
CA THR B 109 20.98 21.77 -2.29
C THR B 109 19.76 20.95 -2.71
N GLY B 110 19.95 19.64 -2.87
CA GLY B 110 18.86 18.78 -3.26
C GLY B 110 18.79 18.40 -4.73
N LYS B 111 19.92 18.49 -5.43
CA LYS B 111 20.00 18.06 -6.83
C LYS B 111 19.74 16.53 -7.00
N THR B 112 20.50 15.71 -6.30
CA THR B 112 20.25 14.27 -6.33
C THR B 112 18.90 13.93 -5.65
N PHE B 113 18.61 14.60 -4.53
CA PHE B 113 17.27 14.49 -3.95
C PHE B 113 16.16 14.79 -4.99
N THR B 114 16.30 15.87 -5.76
CA THR B 114 15.23 16.27 -6.66
C THR B 114 15.03 15.34 -7.88
N MET B 115 16.15 14.95 -8.51
CA MET B 115 16.11 14.12 -9.71
C MET B 115 15.87 12.64 -9.39
N GLU B 116 16.44 12.19 -8.27
CA GLU B 116 16.45 10.76 -7.96
C GLU B 116 15.52 10.39 -6.79
N GLY B 117 15.82 11.00 -5.65
CA GLY B 117 15.00 10.84 -4.47
C GLY B 117 15.60 9.80 -3.56
N GLU B 118 14.86 9.48 -2.51
CA GLU B 118 15.29 8.48 -1.54
C GLU B 118 14.15 7.49 -1.25
N ARG B 119 14.50 6.39 -0.58
CA ARG B 119 13.48 5.45 -0.12
C ARG B 119 13.03 5.89 1.25
N SER B 120 11.72 5.86 1.47
CA SER B 120 11.24 6.05 2.84
C SER B 120 11.72 4.86 3.70
N PRO B 121 11.81 5.09 5.01
CA PRO B 121 12.23 4.08 6.01
C PRO B 121 11.37 2.79 6.06
N ASN B 122 11.96 1.70 6.53
CA ASN B 122 11.22 0.44 6.87
C ASN B 122 10.46 -0.29 5.76
N GLU B 123 10.91 -0.10 4.52
CA GLU B 123 10.34 -0.71 3.33
C GLU B 123 8.84 -0.61 3.40
N GLU B 124 8.41 0.57 3.82
CA GLU B 124 7.01 0.83 3.96
C GLU B 124 6.33 1.04 2.61
N TYR B 125 7.02 1.66 1.65
CA TYR B 125 6.38 1.94 0.36
C TYR B 125 7.07 1.19 -0.75
N THR B 126 6.32 0.86 -1.81
CA THR B 126 6.95 0.56 -3.12
C THR B 126 7.49 1.90 -3.62
N TRP B 127 8.49 1.85 -4.50
CA TRP B 127 9.08 3.10 -4.99
C TRP B 127 8.03 3.92 -5.82
N GLU B 128 7.13 3.22 -6.51
CA GLU B 128 6.09 3.90 -7.29
C GLU B 128 5.20 4.74 -6.36
N GLU B 129 5.02 4.27 -5.12
CA GLU B 129 4.24 5.01 -4.13
C GLU B 129 5.06 5.83 -3.14
N ASP B 130 6.38 5.73 -3.18
CA ASP B 130 7.12 6.35 -2.11
C ASP B 130 7.12 7.86 -2.28
N PRO B 131 6.67 8.58 -1.25
CA PRO B 131 6.51 10.04 -1.31
C PRO B 131 7.86 10.80 -1.43
N LEU B 132 8.94 10.14 -1.00
CA LEU B 132 10.32 10.62 -1.13
C LEU B 132 10.97 10.33 -2.49
N ALA B 133 10.23 9.69 -3.40
CA ALA B 133 10.73 9.45 -4.76
C ALA B 133 10.85 10.71 -5.61
N GLY B 134 12.04 10.91 -6.21
CA GLY B 134 12.35 12.04 -7.07
C GLY B 134 11.78 11.98 -8.48
N ILE B 135 12.32 12.81 -9.36
CA ILE B 135 11.71 12.93 -10.71
C ILE B 135 11.82 11.71 -11.63
N ILE B 136 12.96 11.02 -11.57
CA ILE B 136 13.21 9.95 -12.52
C ILE B 136 12.23 8.79 -12.27
N PRO B 137 12.10 8.35 -11.01
CA PRO B 137 11.10 7.31 -10.69
C PRO B 137 9.63 7.72 -11.04
N ARG B 138 9.23 8.93 -10.66
CA ARG B 138 7.86 9.41 -10.93
C ARG B 138 7.60 9.41 -12.41
N THR B 139 8.59 9.88 -13.18
CA THR B 139 8.51 9.93 -14.63
C THR B 139 8.29 8.54 -15.26
N LEU B 140 9.07 7.56 -14.82
CA LEU B 140 8.97 6.22 -15.39
C LEU B 140 7.68 5.52 -14.97
N HIS B 141 7.25 5.81 -13.76
CA HIS B 141 5.95 5.34 -13.29
C HIS B 141 4.83 5.96 -14.17
N GLN B 142 4.82 7.27 -14.24
CA GLN B 142 3.86 7.99 -15.08
C GLN B 142 3.75 7.45 -16.51
N ILE B 143 4.89 7.24 -17.17
CA ILE B 143 4.90 6.71 -18.55
C ILE B 143 4.10 5.41 -18.70
N PHE B 144 4.36 4.44 -17.83
CA PHE B 144 3.61 3.18 -17.84
C PHE B 144 2.12 3.38 -17.46
N GLU B 145 1.85 4.36 -16.59
CA GLU B 145 0.46 4.68 -16.24
C GLU B 145 -0.30 5.21 -17.47
N LYS B 146 0.25 6.28 -18.06
CA LYS B 146 -0.36 6.91 -19.23
C LYS B 146 -0.42 6.00 -20.44
N LEU B 147 0.66 5.27 -20.71
CA LEU B 147 0.70 4.48 -21.95
C LEU B 147 -0.12 3.22 -21.86
N THR B 148 -0.19 2.65 -20.65
CA THR B 148 -1.10 1.55 -20.39
C THR B 148 -2.61 1.94 -20.45
N ASP B 149 -2.96 3.09 -19.89
CA ASP B 149 -4.31 3.65 -20.05
C ASP B 149 -4.70 3.79 -21.54
N ASN B 150 -3.77 4.28 -22.38
CA ASN B 150 -4.05 4.48 -23.81
C ASN B 150 -4.34 3.20 -24.60
N GLY B 151 -3.90 2.06 -24.08
CA GLY B 151 -4.20 0.77 -24.69
C GLY B 151 -3.41 0.46 -25.95
N THR B 152 -2.66 1.45 -26.45
CA THR B 152 -1.86 1.30 -27.67
C THR B 152 -0.53 0.56 -27.40
N GLU B 153 -0.01 -0.17 -28.39
CA GLU B 153 1.34 -0.74 -28.26
C GLU B 153 2.38 0.39 -28.13
N PHE B 154 3.27 0.23 -27.15
CA PHE B 154 4.33 1.20 -26.86
C PHE B 154 5.58 0.45 -26.45
N SER B 155 6.71 1.17 -26.44
CA SER B 155 8.02 0.60 -26.18
C SER B 155 8.76 1.67 -25.41
N VAL B 156 9.47 1.27 -24.35
CA VAL B 156 10.21 2.19 -23.49
C VAL B 156 11.71 1.82 -23.45
N LYS B 157 12.56 2.86 -23.50
CA LYS B 157 14.01 2.67 -23.54
C LYS B 157 14.71 3.73 -22.73
N VAL B 158 15.66 3.28 -21.93
CA VAL B 158 16.45 4.21 -21.16
C VAL B 158 17.93 4.02 -21.41
N SER B 159 18.65 5.10 -21.14
CA SER B 159 20.10 5.12 -21.19
C SER B 159 20.57 6.12 -20.17
N LEU B 160 21.76 5.90 -19.65
CA LEU B 160 22.30 6.82 -18.66
C LEU B 160 23.79 6.95 -18.91
N LEU B 161 24.23 8.20 -19.04
CA LEU B 161 25.62 8.48 -19.33
C LEU B 161 26.14 9.56 -18.43
N GLU B 162 27.40 9.43 -18.09
CA GLU B 162 28.08 10.46 -17.34
C GLU B 162 29.12 11.21 -18.18
N ILE B 163 29.08 12.53 -18.08
CA ILE B 163 30.10 13.36 -18.68
C ILE B 163 31.02 13.83 -17.56
N TYR B 164 32.27 13.42 -17.66
CA TYR B 164 33.28 13.77 -16.67
C TYR B 164 34.57 14.20 -17.36
N ASN B 165 35.02 15.42 -17.05
CA ASN B 165 36.12 16.08 -17.78
C ASN B 165 35.98 15.92 -19.28
N GLU B 166 34.88 16.45 -19.81
CA GLU B 166 34.53 16.35 -21.22
C GLU B 166 34.75 14.95 -21.83
N GLU B 167 34.57 13.92 -21.03
CA GLU B 167 34.49 12.56 -21.56
C GLU B 167 33.16 11.89 -21.15
N LEU B 168 32.70 10.99 -22.01
CA LEU B 168 31.41 10.37 -21.87
C LEU B 168 31.55 8.92 -21.42
N PHE B 169 30.81 8.54 -20.38
CA PHE B 169 30.85 7.15 -19.91
C PHE B 169 29.44 6.53 -19.84
N ASP B 170 29.33 5.25 -20.20
CA ASP B 170 28.05 4.54 -20.17
C ASP B 170 27.82 3.78 -18.86
N LEU B 171 26.87 4.28 -18.04
CA LEU B 171 26.56 3.68 -16.71
C LEU B 171 25.71 2.39 -16.73
N LEU B 172 25.03 2.13 -17.85
CA LEU B 172 24.21 0.96 -18.05
C LEU B 172 24.80 -0.22 -18.86
N ASN B 173 26.03 -0.10 -19.35
CA ASN B 173 26.65 -1.23 -20.06
C ASN B 173 27.26 -2.18 -19.02
N PRO B 174 26.66 -3.38 -18.87
CA PRO B 174 27.04 -4.32 -17.80
C PRO B 174 28.47 -4.82 -17.96
N SER B 175 28.89 -5.09 -19.20
CA SER B 175 30.20 -5.68 -19.47
C SER B 175 31.39 -4.72 -19.46
N SER B 176 31.18 -3.46 -19.86
CA SER B 176 32.32 -2.53 -20.02
C SER B 176 32.98 -2.12 -18.73
N ASP B 177 34.29 -1.89 -18.80
CA ASP B 177 35.00 -1.40 -17.64
C ASP B 177 34.58 0.04 -17.42
N VAL B 178 34.69 0.47 -16.17
CA VAL B 178 34.23 1.79 -15.83
C VAL B 178 35.08 2.90 -16.46
N SER B 179 36.28 2.56 -16.92
CA SER B 179 37.12 3.59 -17.54
C SER B 179 36.93 3.79 -19.07
N GLU B 180 36.16 2.95 -19.74
CA GLU B 180 36.00 3.10 -21.18
C GLU B 180 35.20 4.36 -21.53
N ARG B 181 35.87 5.23 -22.28
CA ARG B 181 35.27 6.44 -22.83
C ARG B 181 34.40 5.97 -23.97
N LEU B 182 33.39 6.77 -24.32
CA LEU B 182 32.57 6.50 -25.49
C LEU B 182 32.98 7.46 -26.62
N GLN B 183 32.84 7.01 -27.86
CA GLN B 183 33.05 7.95 -28.95
C GLN B 183 31.75 8.54 -29.46
N MET B 184 31.75 9.86 -29.66
CA MET B 184 30.63 10.56 -30.31
C MET B 184 31.11 11.41 -31.50
N PHE B 185 30.29 11.49 -32.53
CA PHE B 185 30.60 12.31 -33.69
C PHE B 185 29.29 12.77 -34.32
N ASP B 186 29.36 13.77 -35.17
CA ASP B 186 28.16 14.28 -35.79
C ASP B 186 27.49 13.16 -36.57
N ASP B 187 26.16 13.25 -36.68
CA ASP B 187 25.32 12.22 -37.30
C ASP B 187 24.95 12.50 -38.78
N PRO B 188 25.49 11.71 -39.72
CA PRO B 188 25.20 11.94 -41.16
C PRO B 188 23.72 12.08 -41.51
N ARG B 189 22.82 11.39 -40.81
CA ARG B 189 21.38 11.48 -41.05
C ARG B 189 20.75 12.72 -40.41
N ASN B 190 21.36 13.18 -39.33
CA ASN B 190 20.75 14.19 -38.46
C ASN B 190 21.69 15.35 -38.20
N LYS B 191 21.38 16.51 -38.72
CA LYS B 191 22.28 17.65 -38.50
C LYS B 191 21.90 18.52 -37.28
N ARG B 192 20.88 18.08 -36.53
CA ARG B 192 20.78 18.48 -35.13
C ARG B 192 21.47 17.43 -34.23
N GLY B 193 21.76 16.24 -34.80
CA GLY B 193 22.21 15.11 -34.01
C GLY B 193 23.66 14.61 -34.02
N VAL B 194 23.96 13.77 -33.05
CA VAL B 194 25.22 13.09 -32.95
C VAL B 194 24.90 11.63 -32.74
N ILE B 195 25.94 10.81 -32.85
CA ILE B 195 25.91 9.43 -32.43
C ILE B 195 26.84 9.22 -31.25
N ILE B 196 26.34 8.57 -30.18
CA ILE B 196 27.20 8.19 -29.06
C ILE B 196 27.43 6.71 -29.24
N LYS B 197 28.63 6.34 -29.66
CA LYS B 197 28.78 5.01 -30.24
C LYS B 197 28.83 3.89 -29.21
N GLY B 198 27.93 2.92 -29.38
CA GLY B 198 27.81 1.84 -28.42
C GLY B 198 27.00 2.12 -27.14
N LEU B 199 26.50 3.36 -26.96
CA LEU B 199 25.72 3.68 -25.77
C LEU B 199 24.54 2.70 -25.66
N GLU B 200 24.50 2.00 -24.55
CA GLU B 200 23.47 1.04 -24.24
C GLU B 200 22.07 1.74 -24.13
N GLU B 201 21.09 1.26 -24.90
CA GLU B 201 19.70 1.65 -24.73
C GLU B 201 18.93 0.45 -24.14
N ILE B 202 18.61 0.51 -22.86
CA ILE B 202 18.00 -0.65 -22.24
C ILE B 202 16.47 -0.58 -22.36
N THR B 203 15.89 -1.68 -22.82
CA THR B 203 14.45 -1.74 -22.98
C THR B 203 13.83 -1.99 -21.60
N VAL B 204 12.89 -1.15 -21.19
CA VAL B 204 12.18 -1.44 -19.96
C VAL B 204 10.81 -2.01 -20.33
N HIS B 205 10.69 -3.31 -20.08
CA HIS B 205 9.54 -4.04 -20.57
C HIS B 205 8.26 -3.73 -19.78
N ASN B 206 8.42 -3.44 -18.49
CA ASN B 206 7.31 -3.06 -17.64
C ASN B 206 7.94 -2.27 -16.51
N LYS B 207 7.11 -1.52 -15.76
CA LYS B 207 7.60 -0.63 -14.69
C LYS B 207 8.52 -1.30 -13.65
N ASP B 208 8.29 -2.58 -13.42
CA ASP B 208 8.96 -3.32 -12.37
C ASP B 208 10.47 -3.39 -12.62
N GLU B 209 10.81 -3.83 -13.83
CA GLU B 209 12.16 -4.00 -14.35
C GLU B 209 13.03 -2.74 -14.31
N VAL B 210 12.39 -1.58 -14.28
CA VAL B 210 13.10 -0.30 -14.19
C VAL B 210 14.03 -0.19 -12.96
N TYR B 211 13.57 -0.71 -11.84
CA TYR B 211 14.34 -0.70 -10.61
C TYR B 211 15.69 -1.47 -10.68
N GLN B 212 15.70 -2.64 -11.31
CA GLN B 212 16.94 -3.44 -11.46
C GLN B 212 17.92 -2.67 -12.34
N ILE B 213 17.38 -2.17 -13.45
CA ILE B 213 18.17 -1.42 -14.40
C ILE B 213 18.94 -0.29 -13.70
N LEU B 214 18.23 0.57 -12.97
CA LEU B 214 18.88 1.75 -12.39
C LEU B 214 19.69 1.42 -11.15
N GLU B 215 19.37 0.28 -10.52
CA GLU B 215 20.14 -0.17 -9.37
C GLU B 215 21.60 -0.60 -9.78
N LYS B 216 21.72 -1.36 -10.88
CA LYS B 216 23.01 -1.71 -11.47
C LYS B 216 23.77 -0.45 -11.91
N GLY B 217 23.06 0.44 -12.59
CA GLY B 217 23.61 1.73 -12.92
C GLY B 217 24.18 2.47 -11.73
N ALA B 218 23.56 2.32 -10.57
CA ALA B 218 24.02 3.08 -9.42
C ALA B 218 25.30 2.44 -8.92
N ALA B 219 25.32 1.10 -8.90
CA ALA B 219 26.51 0.33 -8.53
C ALA B 219 27.73 0.69 -9.43
N LYS B 220 27.57 0.63 -10.75
CA LYS B 220 28.58 1.04 -11.73
C LYS B 220 29.11 2.44 -11.42
N ARG B 221 28.17 3.36 -11.22
CA ARG B 221 28.49 4.76 -10.98
C ARG B 221 29.28 4.92 -9.68
N THR B 222 29.02 4.03 -8.72
CA THR B 222 29.77 4.06 -7.45
C THR B 222 31.19 3.50 -7.65
N THR B 223 31.35 2.59 -8.60
CA THR B 223 32.69 2.18 -9.00
C THR B 223 33.45 3.29 -9.74
N ALA B 224 32.78 4.00 -10.64
CA ALA B 224 33.40 5.10 -11.37
C ALA B 224 33.90 6.26 -10.47
N ALA B 225 33.17 6.53 -9.38
CA ALA B 225 33.48 7.64 -8.46
C ALA B 225 34.67 7.32 -7.57
N THR B 226 34.77 6.06 -7.17
CA THR B 226 35.90 5.57 -6.41
C THR B 226 37.18 5.70 -7.22
N LEU B 227 37.17 5.10 -8.42
CA LEU B 227 38.30 5.04 -9.31
C LEU B 227 38.79 6.42 -9.69
N MET B 228 37.88 7.29 -10.15
CA MET B 228 38.24 8.64 -10.55
C MET B 228 37.88 9.71 -9.53
N ASN B 229 38.90 10.17 -8.78
CA ASN B 229 38.87 11.45 -8.09
C ASN B 229 37.51 11.84 -7.47
N ALA B 230 37.00 11.02 -6.54
CA ALA B 230 35.84 11.43 -5.72
C ALA B 230 34.93 12.33 -6.55
N TYR B 231 34.37 11.77 -7.63
CA TYR B 231 33.87 12.61 -8.72
C TYR B 231 32.36 12.90 -8.79
N SER B 232 31.58 12.40 -7.83
CA SER B 232 30.11 12.54 -7.92
C SER B 232 29.62 13.98 -7.99
N SER B 233 30.39 14.90 -7.41
CA SER B 233 30.09 16.32 -7.50
C SER B 233 30.58 16.91 -8.83
N ARG B 234 31.54 16.23 -9.45
CA ARG B 234 32.16 16.73 -10.68
C ARG B 234 31.57 16.16 -12.00
N SER B 235 30.64 15.21 -11.93
CA SER B 235 30.15 14.56 -13.15
C SER B 235 28.79 15.11 -13.51
N HIS B 236 28.46 15.10 -14.80
CA HIS B 236 27.10 15.38 -15.28
C HIS B 236 26.33 14.10 -15.67
N SER B 237 25.16 13.87 -15.07
CA SER B 237 24.38 12.69 -15.44
C SER B 237 23.34 13.04 -16.50
N VAL B 238 23.35 12.31 -17.61
CA VAL B 238 22.27 12.45 -18.58
C VAL B 238 21.48 11.15 -18.67
N PHE B 239 20.29 11.17 -18.07
CA PHE B 239 19.35 10.07 -18.17
C PHE B 239 18.40 10.38 -19.34
N SER B 240 18.09 9.36 -20.11
CA SER B 240 17.28 9.54 -21.28
C SER B 240 16.27 8.42 -21.38
N VAL B 241 14.99 8.78 -21.44
CA VAL B 241 13.96 7.83 -21.72
C VAL B 241 13.34 8.15 -23.07
N THR B 242 13.21 7.12 -23.88
CA THR B 242 12.71 7.28 -25.22
C THR B 242 11.50 6.43 -25.42
N ILE B 243 10.46 7.02 -26.01
CA ILE B 243 9.20 6.27 -26.22
C ILE B 243 8.76 6.12 -27.69
N HIS B 244 8.41 4.89 -28.05
CA HIS B 244 7.94 4.53 -29.39
C HIS B 244 6.46 4.14 -29.32
N MET B 245 5.59 4.99 -29.87
CA MET B 245 4.14 4.77 -29.78
C MET B 245 3.53 4.26 -31.09
N LYS B 246 3.14 3.00 -31.12
CA LYS B 246 2.70 2.36 -32.35
C LYS B 246 1.18 2.36 -32.47
N VAL B 256 3.75 5.96 -36.04
CA VAL B 256 4.64 5.62 -34.94
C VAL B 256 5.40 6.85 -34.44
N LYS B 257 4.76 7.62 -33.54
CA LYS B 257 5.41 8.80 -32.95
C LYS B 257 6.36 8.46 -31.81
N ILE B 258 7.39 9.29 -31.69
CA ILE B 258 8.49 9.06 -30.75
C ILE B 258 8.65 10.29 -29.87
N GLY B 259 8.46 10.11 -28.57
CA GLY B 259 8.87 11.13 -27.61
C GLY B 259 10.17 10.75 -26.92
N LYS B 260 10.86 11.75 -26.40
CA LYS B 260 12.11 11.50 -25.71
C LYS B 260 12.20 12.55 -24.61
N LEU B 261 12.73 12.15 -23.45
CA LEU B 261 12.98 13.09 -22.36
C LEU B 261 14.32 12.85 -21.71
N ASN B 262 15.09 13.93 -21.51
CA ASN B 262 16.40 13.79 -20.90
C ASN B 262 16.40 14.50 -19.59
N LEU B 263 16.90 13.81 -18.58
CA LEU B 263 16.82 14.31 -17.23
C LEU B 263 18.23 14.48 -16.74
N VAL B 264 18.63 15.74 -16.59
CA VAL B 264 20.03 16.10 -16.47
C VAL B 264 20.34 16.60 -15.09
N ASP B 265 21.22 15.87 -14.40
CA ASP B 265 21.74 16.27 -13.11
C ASP B 265 23.19 16.77 -13.36
N LEU B 266 23.33 18.08 -13.34
CA LEU B 266 24.60 18.72 -13.61
C LEU B 266 25.55 18.57 -12.41
N ALA B 267 26.85 18.69 -12.69
CA ALA B 267 27.88 18.75 -11.65
C ALA B 267 27.78 20.06 -10.86
N GLY B 268 28.33 20.07 -9.66
CA GLY B 268 28.20 21.18 -8.74
C GLY B 268 28.60 22.54 -9.31
N SER B 269 27.73 23.53 -9.14
CA SER B 269 27.92 24.85 -9.76
C SER B 269 28.91 25.76 -9.03
N GLU B 270 29.32 25.36 -7.83
CA GLU B 270 30.35 26.11 -7.12
C GLU B 270 31.65 26.03 -7.93
N ASN B 271 32.51 27.03 -7.76
CA ASN B 271 33.77 27.10 -8.50
C ASN B 271 34.99 26.93 -7.59
N ASN B 289 32.23 23.69 -14.80
CA ASN B 289 32.87 24.94 -15.21
C ASN B 289 32.51 25.35 -16.65
N GLN B 290 33.13 24.66 -17.60
CA GLN B 290 32.95 24.93 -19.02
C GLN B 290 31.58 24.44 -19.49
N SER B 291 31.31 23.17 -19.19
CA SER B 291 30.02 22.59 -19.53
C SER B 291 28.87 23.40 -18.91
N LEU B 292 29.11 23.95 -17.72
CA LEU B 292 28.15 24.85 -17.07
C LEU B 292 28.08 26.23 -17.74
N LEU B 293 29.25 26.76 -18.05
CA LEU B 293 29.32 28.05 -18.73
C LEU B 293 28.64 27.99 -20.09
N THR B 294 28.87 26.90 -20.81
CA THR B 294 28.39 26.81 -22.19
C THR B 294 26.88 26.66 -22.22
N LEU B 295 26.33 25.94 -21.24
CA LEU B 295 24.89 25.71 -21.18
C LEU B 295 24.15 27.01 -20.91
N GLY B 296 24.65 27.83 -19.98
CA GLY B 296 23.99 29.10 -19.73
C GLY B 296 23.77 29.82 -21.06
N ARG B 297 24.86 30.00 -21.79
CA ARG B 297 24.82 30.66 -23.08
C ARG B 297 23.90 29.98 -24.09
N VAL B 298 23.90 28.65 -24.15
CA VAL B 298 22.99 28.00 -25.08
C VAL B 298 21.55 28.35 -24.68
N ILE B 299 21.33 28.45 -23.37
CA ILE B 299 20.01 28.76 -22.81
C ILE B 299 19.63 30.22 -23.11
N THR B 300 20.57 31.14 -22.83
CA THR B 300 20.48 32.57 -23.17
C THR B 300 20.09 32.78 -24.64
N ALA B 301 20.82 32.13 -25.54
CA ALA B 301 20.57 32.20 -26.98
C ALA B 301 19.21 31.64 -27.41
N LEU B 302 18.73 30.61 -26.71
CA LEU B 302 17.43 30.02 -27.02
C LEU B 302 16.28 30.87 -26.47
N VAL B 303 16.55 31.62 -25.40
CA VAL B 303 15.56 32.50 -24.84
C VAL B 303 15.31 33.64 -25.83
N GLU B 304 16.38 34.25 -26.32
CA GLU B 304 16.23 35.41 -27.20
C GLU B 304 16.33 35.19 -28.73
N ARG B 305 16.62 33.96 -29.16
CA ARG B 305 16.83 33.69 -30.59
C ARG B 305 18.00 34.47 -31.25
N THR B 306 19.05 34.78 -30.48
CA THR B 306 20.30 35.25 -31.09
C THR B 306 20.95 34.06 -31.79
N PRO B 307 21.10 34.14 -33.14
CA PRO B 307 21.49 33.03 -34.03
C PRO B 307 22.90 32.46 -33.77
N HIS B 308 23.17 31.31 -34.37
CA HIS B 308 24.39 30.53 -34.14
C HIS B 308 24.57 30.19 -32.65
N VAL B 309 23.60 29.46 -32.12
CA VAL B 309 23.70 28.94 -30.75
C VAL B 309 24.94 28.04 -30.65
N PRO B 310 25.83 28.36 -29.68
CA PRO B 310 27.14 27.73 -29.44
C PRO B 310 27.09 26.33 -28.80
N TYR B 311 26.26 25.47 -29.38
CA TYR B 311 26.16 24.04 -29.02
C TYR B 311 27.50 23.27 -29.00
N ARG B 312 28.39 23.62 -29.92
CA ARG B 312 29.63 22.87 -30.14
C ARG B 312 30.71 23.05 -29.04
N GLU B 313 30.51 23.98 -28.12
CA GLU B 313 31.56 24.27 -27.13
C GLU B 313 31.60 23.34 -25.91
N SER B 314 30.67 22.39 -25.82
CA SER B 314 30.73 21.39 -24.75
C SER B 314 30.09 20.07 -25.17
N LYS B 315 30.50 18.99 -24.51
CA LYS B 315 29.95 17.68 -24.79
C LYS B 315 28.46 17.69 -24.52
N LEU B 316 28.10 18.17 -23.34
CA LEU B 316 26.71 18.32 -22.93
C LEU B 316 25.77 18.93 -24.01
N THR B 317 26.07 20.17 -24.39
CA THR B 317 25.28 20.90 -25.39
C THR B 317 25.32 20.28 -26.79
N ARG B 318 26.36 19.50 -27.10
CA ARG B 318 26.37 18.79 -28.38
C ARG B 318 25.39 17.61 -28.31
N ILE B 319 25.54 16.83 -27.24
CA ILE B 319 24.66 15.70 -26.95
C ILE B 319 23.22 16.17 -26.90
N LEU B 320 23.00 17.35 -26.34
CA LEU B 320 21.63 17.83 -26.18
C LEU B 320 21.09 18.67 -27.34
N GLN B 321 21.95 19.14 -28.24
CA GLN B 321 21.50 20.15 -29.21
C GLN B 321 20.16 19.77 -29.85
N ASP B 322 19.98 18.47 -30.15
CA ASP B 322 18.81 17.96 -30.85
C ASP B 322 17.48 18.35 -30.15
N SER B 323 17.48 18.21 -28.82
CA SER B 323 16.33 18.58 -28.02
C SER B 323 16.29 20.06 -27.73
N LEU B 324 17.45 20.64 -27.40
CA LEU B 324 17.58 22.05 -27.02
C LEU B 324 17.18 23.00 -28.14
N GLY B 325 16.98 22.46 -29.33
CA GLY B 325 16.26 23.20 -30.35
C GLY B 325 15.57 22.23 -31.27
N GLY B 326 14.38 22.62 -31.65
CA GLY B 326 13.41 21.73 -32.24
C GLY B 326 12.13 22.26 -31.61
N ARG B 327 10.99 21.64 -31.92
CA ARG B 327 9.79 22.00 -31.18
C ARG B 327 9.88 21.26 -29.84
N THR B 328 10.01 22.04 -28.75
CA THR B 328 10.33 21.44 -27.46
C THR B 328 9.96 22.31 -26.28
N ARG B 329 9.95 21.69 -25.10
CA ARG B 329 9.96 22.44 -23.85
C ARG B 329 11.22 22.08 -23.05
N THR B 330 11.76 23.07 -22.34
CA THR B 330 13.00 22.91 -21.59
C THR B 330 12.81 23.58 -20.25
N SER B 331 13.12 22.86 -19.18
CA SER B 331 13.06 23.45 -17.84
C SER B 331 14.37 23.20 -17.14
N ILE B 332 14.73 24.15 -16.29
CA ILE B 332 15.85 23.95 -15.39
C ILE B 332 15.43 24.27 -13.97
N ILE B 333 15.77 23.37 -13.05
CA ILE B 333 15.43 23.52 -11.64
C ILE B 333 16.68 23.93 -10.89
N ALA B 334 16.69 25.18 -10.45
CA ALA B 334 17.79 25.72 -9.69
C ALA B 334 17.56 25.40 -8.24
N THR B 335 18.47 24.67 -7.63
CA THR B 335 18.34 24.31 -6.23
C THR B 335 19.30 25.14 -5.34
N ILE B 336 18.75 25.59 -4.22
CA ILE B 336 19.47 26.44 -3.27
C ILE B 336 19.31 25.97 -1.82
N SER B 337 20.33 26.27 -1.01
CA SER B 337 20.30 26.07 0.45
C SER B 337 19.73 27.32 1.17
N PRO B 338 18.97 27.11 2.26
CA PRO B 338 18.61 28.20 3.20
C PRO B 338 19.75 28.63 4.12
N ALA B 339 20.69 27.74 4.39
CA ALA B 339 21.64 27.91 5.49
C ALA B 339 22.61 29.10 5.34
N SER B 340 23.19 29.49 6.47
CA SER B 340 24.07 30.64 6.61
C SER B 340 25.31 30.68 5.70
N LEU B 341 26.07 29.58 5.69
CA LEU B 341 27.35 29.54 4.98
C LEU B 341 27.28 29.38 3.44
N ASN B 342 26.09 29.13 2.91
CA ASN B 342 25.93 28.87 1.48
C ASN B 342 25.83 30.16 0.62
N LEU B 343 25.69 31.30 1.29
CA LEU B 343 25.25 32.57 0.69
C LEU B 343 25.86 32.99 -0.66
N GLU B 344 27.18 32.95 -0.79
CA GLU B 344 27.79 33.30 -2.07
C GLU B 344 27.19 32.40 -3.15
N GLU B 345 27.11 31.11 -2.82
CA GLU B 345 26.65 30.09 -3.74
C GLU B 345 25.19 30.25 -4.18
N THR B 346 24.29 30.47 -3.22
CA THR B 346 22.89 30.71 -3.54
C THR B 346 22.75 31.82 -4.59
N LEU B 347 23.52 32.90 -4.38
CA LEU B 347 23.50 34.06 -5.26
C LEU B 347 24.00 33.74 -6.68
N SER B 348 25.11 33.03 -6.78
CA SER B 348 25.54 32.50 -8.06
C SER B 348 24.40 31.78 -8.78
N THR B 349 23.76 30.86 -8.08
CA THR B 349 22.72 30.01 -8.68
C THR B 349 21.48 30.78 -9.16
N LEU B 350 21.10 31.81 -8.39
CA LEU B 350 20.01 32.68 -8.81
C LEU B 350 20.46 33.61 -9.93
N GLU B 351 21.71 34.01 -9.86
CA GLU B 351 22.25 34.85 -10.91
C GLU B 351 22.31 34.01 -12.18
N TYR B 352 22.85 32.80 -12.04
CA TYR B 352 22.94 31.89 -13.16
C TYR B 352 21.56 31.64 -13.75
N ALA B 353 20.59 31.32 -12.89
CA ALA B 353 19.22 31.11 -13.38
C ALA B 353 18.63 32.41 -13.92
N HIS B 354 19.01 33.53 -13.33
CA HIS B 354 18.62 34.85 -13.83
C HIS B 354 19.20 35.08 -15.23
N ARG B 355 20.52 34.91 -15.39
CA ARG B 355 21.16 34.95 -16.72
C ARG B 355 20.45 34.04 -17.73
N ALA B 356 20.02 32.86 -17.28
CA ALA B 356 19.42 31.86 -18.17
C ALA B 356 18.17 32.41 -18.85
N LYS B 357 17.21 32.84 -18.03
CA LYS B 357 16.01 33.52 -18.50
C LYS B 357 15.80 34.74 -17.60
N ASN B 358 15.93 35.93 -18.18
CA ASN B 358 16.00 37.17 -17.41
C ASN B 358 14.59 37.68 -17.22
N ILE B 359 14.14 37.63 -15.97
CA ILE B 359 12.78 38.01 -15.63
C ILE B 359 12.85 39.11 -14.57
N LEU B 360 12.41 40.30 -14.96
CA LEU B 360 12.46 41.45 -14.07
C LEU B 360 11.40 41.32 -12.97
N ASN B 361 11.73 41.85 -11.80
CA ASN B 361 10.82 41.80 -10.65
C ASN B 361 9.52 42.60 -10.88
N LYS B 362 8.51 42.33 -10.06
CA LYS B 362 7.24 43.05 -10.17
C LYS B 362 7.02 43.99 -8.98
N LYS C 17 -25.61 5.33 -21.60
CA LYS C 17 -26.80 4.63 -21.07
C LYS C 17 -26.60 3.83 -19.74
N ASN C 18 -25.50 3.09 -19.65
CA ASN C 18 -25.08 2.55 -18.39
C ASN C 18 -24.47 3.59 -17.47
N ILE C 19 -24.19 4.78 -17.98
CA ILE C 19 -23.75 5.88 -17.12
C ILE C 19 -24.84 6.95 -16.97
N GLN C 20 -25.31 7.16 -15.74
CA GLN C 20 -26.39 8.09 -15.52
C GLN C 20 -25.83 9.25 -14.73
N VAL C 21 -26.22 10.46 -15.10
CA VAL C 21 -25.86 11.65 -14.36
C VAL C 21 -27.12 12.40 -14.01
N VAL C 22 -27.30 12.62 -12.71
CA VAL C 22 -28.48 13.31 -12.20
C VAL C 22 -28.07 14.45 -11.26
N VAL C 23 -28.98 15.37 -11.02
CA VAL C 23 -28.72 16.52 -10.16
C VAL C 23 -29.78 16.56 -9.10
N ARG C 24 -29.39 16.94 -7.89
CA ARG C 24 -30.34 17.02 -6.80
C ARG C 24 -30.11 18.37 -6.16
N CYS C 25 -31.15 19.22 -6.16
CA CYS C 25 -31.12 20.47 -5.42
C CYS C 25 -31.65 20.32 -4.00
N ARG C 26 -30.95 20.84 -3.01
CA ARG C 26 -31.48 20.82 -1.63
C ARG C 26 -32.32 22.07 -1.35
N PRO C 27 -33.12 22.03 -0.30
CA PRO C 27 -33.73 23.31 0.13
C PRO C 27 -32.68 24.31 0.68
N PHE C 28 -33.11 25.54 1.02
CA PHE C 28 -32.29 26.56 1.65
C PHE C 28 -31.83 26.12 3.02
N ASN C 29 -30.64 26.57 3.43
CA ASN C 29 -30.32 26.51 4.87
C ASN C 29 -30.52 27.85 5.59
N LEU C 30 -30.30 27.83 6.91
CA LEU C 30 -30.53 28.98 7.81
C LEU C 30 -29.64 30.12 7.40
N ALA C 31 -28.38 29.79 7.20
CA ALA C 31 -27.35 30.71 6.76
C ALA C 31 -27.71 31.47 5.49
N GLU C 32 -28.36 30.81 4.55
CA GLU C 32 -28.71 31.44 3.28
C GLU C 32 -29.94 32.32 3.52
N ARG C 33 -30.83 31.82 4.37
CA ARG C 33 -31.97 32.55 4.90
C ARG C 33 -31.57 33.84 5.66
N LYS C 34 -30.90 33.67 6.79
CA LYS C 34 -30.46 34.82 7.58
C LYS C 34 -29.68 35.76 6.69
N ALA C 35 -29.12 35.23 5.61
CA ALA C 35 -28.26 36.01 4.72
C ALA C 35 -28.98 36.65 3.55
N SER C 36 -30.31 36.54 3.54
CA SER C 36 -31.09 37.16 2.46
C SER C 36 -30.73 36.67 1.05
N ALA C 37 -30.34 35.41 0.92
CA ALA C 37 -30.13 34.86 -0.42
C ALA C 37 -31.48 34.63 -1.11
N HIS C 38 -31.45 34.64 -2.42
CA HIS C 38 -32.62 34.36 -3.22
C HIS C 38 -32.34 33.13 -4.11
N SER C 39 -33.38 32.36 -4.44
CA SER C 39 -33.19 31.13 -5.17
C SER C 39 -32.78 31.48 -6.55
N ILE C 40 -31.65 30.98 -7.02
CA ILE C 40 -31.28 31.11 -8.43
C ILE C 40 -31.45 29.88 -9.29
N VAL C 41 -31.95 28.81 -8.73
CA VAL C 41 -31.88 27.54 -9.43
C VAL C 41 -33.30 27.04 -9.66
N GLU C 42 -33.60 26.62 -10.89
CA GLU C 42 -34.90 26.03 -11.18
C GLU C 42 -34.84 24.60 -11.70
N CYS C 43 -35.57 23.70 -11.07
CA CYS C 43 -35.59 22.29 -11.47
C CYS C 43 -36.88 21.85 -12.13
N ASP C 44 -36.74 21.21 -13.29
CA ASP C 44 -37.90 20.71 -13.99
C ASP C 44 -37.75 19.21 -14.24
N PRO C 45 -38.17 18.39 -13.27
CA PRO C 45 -38.01 16.92 -13.41
C PRO C 45 -38.56 16.41 -14.74
N VAL C 46 -39.70 16.91 -15.18
CA VAL C 46 -40.32 16.32 -16.35
C VAL C 46 -39.45 16.49 -17.59
N ARG C 47 -38.92 17.69 -17.77
CA ARG C 47 -37.97 17.90 -18.86
C ARG C 47 -36.52 17.53 -18.48
N LYS C 48 -36.30 17.07 -17.24
CA LYS C 48 -34.95 16.77 -16.75
C LYS C 48 -34.01 17.95 -17.01
N GLU C 49 -34.42 19.14 -16.59
CA GLU C 49 -33.58 20.30 -16.78
C GLU C 49 -33.34 21.07 -15.50
N VAL C 50 -32.17 21.70 -15.46
CA VAL C 50 -31.85 22.64 -14.41
C VAL C 50 -31.51 23.96 -15.05
N SER C 51 -32.16 25.01 -14.55
CA SER C 51 -31.80 26.36 -14.96
C SER C 51 -31.21 27.17 -13.82
N VAL C 52 -30.24 27.99 -14.16
CA VAL C 52 -29.63 28.86 -13.15
C VAL C 52 -29.67 30.28 -13.66
N ARG C 53 -29.97 31.20 -12.76
CA ARG C 53 -30.03 32.62 -13.12
C ARG C 53 -28.63 33.14 -12.92
N THR C 54 -27.97 33.47 -14.01
CA THR C 54 -26.58 33.85 -13.94
C THR C 54 -26.35 35.37 -13.74
N GLY C 55 -27.44 36.14 -13.64
CA GLY C 55 -27.35 37.59 -13.74
C GLY C 55 -27.36 38.41 -12.46
N GLY C 56 -27.21 37.76 -11.31
CA GLY C 56 -27.18 38.46 -10.04
C GLY C 56 -28.45 39.26 -9.78
N LEU C 57 -28.32 40.29 -8.93
CA LEU C 57 -29.46 41.16 -8.55
C LEU C 57 -29.85 42.19 -9.62
N ALA C 58 -28.94 42.45 -10.56
CA ALA C 58 -29.20 43.37 -11.68
C ALA C 58 -30.13 42.78 -12.77
N ASP C 59 -29.61 41.78 -13.49
CA ASP C 59 -30.32 41.06 -14.54
C ASP C 59 -31.17 39.91 -13.98
N LYS C 60 -32.47 39.90 -14.28
CA LYS C 60 -33.30 38.74 -14.00
C LYS C 60 -33.47 37.84 -15.25
N SER C 61 -32.94 38.32 -16.38
CA SER C 61 -33.11 37.64 -17.67
C SER C 61 -32.14 36.48 -17.96
N SER C 62 -30.87 36.66 -17.60
CA SER C 62 -29.82 35.69 -17.93
C SER C 62 -30.03 34.33 -17.26
N ARG C 63 -30.04 33.29 -18.09
CA ARG C 63 -30.31 31.93 -17.64
C ARG C 63 -29.38 30.95 -18.33
N LYS C 64 -28.98 29.94 -17.59
CA LYS C 64 -28.22 28.87 -18.21
C LYS C 64 -29.02 27.62 -17.90
N THR C 65 -29.20 26.79 -18.90
CA THR C 65 -30.01 25.59 -18.77
C THR C 65 -29.17 24.36 -19.06
N TYR C 66 -29.37 23.32 -18.26
CA TYR C 66 -28.70 22.04 -18.51
C TYR C 66 -29.68 20.89 -18.48
N THR C 67 -29.40 19.87 -19.27
CA THR C 67 -30.24 18.69 -19.16
C THR C 67 -29.43 17.44 -18.74
N PHE C 68 -30.07 16.59 -17.94
CA PHE C 68 -29.39 15.46 -17.34
C PHE C 68 -30.34 14.31 -17.43
N ASP C 69 -29.95 13.15 -16.89
CA ASP C 69 -30.83 12.00 -16.96
C ASP C 69 -32.02 12.13 -16.00
N MET C 70 -31.82 12.79 -14.87
CA MET C 70 -32.91 13.08 -13.95
C MET C 70 -32.48 14.29 -13.16
N VAL C 71 -33.44 14.98 -12.58
CA VAL C 71 -33.24 16.20 -11.86
C VAL C 71 -34.20 16.06 -10.71
N PHE C 72 -33.74 16.32 -9.49
CA PHE C 72 -34.57 16.21 -8.33
C PHE C 72 -34.51 17.62 -7.75
N GLY C 73 -35.68 18.24 -7.62
CA GLY C 73 -35.77 19.56 -7.05
C GLY C 73 -35.79 19.43 -5.55
N ALA C 74 -35.83 20.57 -4.88
CA ALA C 74 -35.70 20.66 -3.43
C ALA C 74 -36.69 19.88 -2.57
N SER C 75 -37.84 19.51 -3.11
CA SER C 75 -38.80 18.79 -2.28
C SER C 75 -38.62 17.28 -2.38
N THR C 76 -37.63 16.84 -3.17
CA THR C 76 -37.38 15.43 -3.39
C THR C 76 -37.14 14.63 -2.10
N LYS C 77 -37.74 13.47 -2.04
CA LYS C 77 -37.65 12.69 -0.82
C LYS C 77 -36.58 11.60 -0.95
N GLN C 78 -35.95 11.24 0.15
CA GLN C 78 -34.93 10.21 0.11
C GLN C 78 -35.40 8.99 -0.70
N ILE C 79 -36.62 8.53 -0.41
CA ILE C 79 -37.12 7.34 -1.08
C ILE C 79 -37.21 7.52 -2.59
N ASP C 80 -37.46 8.73 -3.07
CA ASP C 80 -37.57 8.98 -4.48
C ASP C 80 -36.19 8.80 -5.13
N VAL C 81 -35.17 9.23 -4.41
CA VAL C 81 -33.82 9.13 -4.92
C VAL C 81 -33.40 7.69 -4.97
N TYR C 82 -33.69 6.96 -3.91
CA TYR C 82 -33.46 5.55 -3.87
C TYR C 82 -34.10 4.75 -5.03
N ARG C 83 -35.39 5.01 -5.31
CA ARG C 83 -36.13 4.23 -6.30
C ARG C 83 -35.67 4.52 -7.70
N SER C 84 -35.43 5.76 -8.05
CA SER C 84 -35.00 6.02 -9.42
C SER C 84 -33.56 5.71 -9.70
N VAL C 85 -32.67 6.14 -8.81
CA VAL C 85 -31.24 5.98 -9.01
C VAL C 85 -30.62 4.65 -8.58
N VAL C 86 -30.99 4.20 -7.39
CA VAL C 86 -30.36 3.04 -6.78
C VAL C 86 -30.91 1.67 -7.15
N CYS C 87 -32.24 1.51 -7.19
CA CYS C 87 -32.87 0.20 -7.41
C CYS C 87 -32.48 -0.45 -8.74
N PRO C 88 -32.47 0.33 -9.80
CA PRO C 88 -32.01 -0.31 -11.03
C PRO C 88 -30.58 -0.80 -10.87
N ILE C 89 -29.74 -0.06 -10.14
CA ILE C 89 -28.34 -0.49 -9.92
C ILE C 89 -28.24 -1.72 -9.01
N LEU C 90 -29.00 -1.70 -7.92
CA LEU C 90 -29.00 -2.82 -6.99
C LEU C 90 -29.45 -4.11 -7.68
N ASP C 91 -30.43 -4.02 -8.57
CA ASP C 91 -30.83 -5.16 -9.40
C ASP C 91 -29.65 -5.74 -10.13
N GLU C 92 -28.81 -4.87 -10.68
CA GLU C 92 -27.69 -5.31 -11.46
C GLU C 92 -26.65 -6.02 -10.58
N VAL C 93 -26.30 -5.38 -9.47
CA VAL C 93 -25.38 -5.90 -8.47
C VAL C 93 -25.77 -7.30 -7.93
N ILE C 94 -27.02 -7.49 -7.54
CA ILE C 94 -27.56 -8.79 -7.16
C ILE C 94 -27.43 -9.80 -8.32
N MET C 95 -27.46 -9.32 -9.55
CA MET C 95 -27.28 -10.23 -10.69
C MET C 95 -25.85 -10.63 -10.82
N GLY C 96 -24.98 -10.09 -10.01
CA GLY C 96 -23.59 -10.48 -10.11
C GLY C 96 -22.63 -9.49 -10.72
N TYR C 97 -23.03 -8.22 -10.81
CA TYR C 97 -22.13 -7.15 -11.30
C TYR C 97 -21.56 -6.28 -10.22
N ASN C 98 -20.68 -5.38 -10.62
CA ASN C 98 -19.87 -4.59 -9.71
C ASN C 98 -20.14 -3.17 -10.18
N CYS C 99 -20.75 -2.31 -9.35
CA CYS C 99 -21.25 -1.01 -9.80
C CYS C 99 -20.88 0.12 -8.86
N THR C 100 -21.06 1.36 -9.31
CA THR C 100 -20.66 2.48 -8.50
C THR C 100 -21.62 3.68 -8.58
N ILE C 101 -21.80 4.35 -7.44
CA ILE C 101 -22.61 5.55 -7.38
C ILE C 101 -21.81 6.60 -6.64
N PHE C 102 -21.68 7.78 -7.21
CA PHE C 102 -20.94 8.89 -6.63
C PHE C 102 -21.92 9.99 -6.19
N ALA C 103 -21.57 10.68 -5.13
CA ALA C 103 -22.21 11.93 -4.77
C ALA C 103 -21.13 12.99 -4.96
N TYR C 104 -21.38 13.93 -5.86
CA TYR C 104 -20.43 14.98 -6.21
C TYR C 104 -20.98 16.35 -5.94
N GLY C 105 -20.18 17.28 -5.47
CA GLY C 105 -20.61 18.66 -5.40
C GLY C 105 -20.04 19.35 -4.18
N GLN C 106 -20.50 20.57 -3.96
CA GLN C 106 -19.91 21.51 -3.03
C GLN C 106 -20.21 21.15 -1.58
N THR C 107 -19.28 21.43 -0.67
CA THR C 107 -19.49 21.09 0.73
C THR C 107 -20.80 21.72 1.23
N GLY C 108 -21.56 21.01 2.05
CA GLY C 108 -22.87 21.42 2.54
C GLY C 108 -24.07 21.37 1.59
N THR C 109 -23.93 20.79 0.38
CA THR C 109 -25.06 20.71 -0.56
C THR C 109 -25.90 19.39 -0.50
N GLY C 110 -25.52 18.49 0.39
CA GLY C 110 -26.15 17.19 0.46
C GLY C 110 -25.55 15.86 0.05
N LYS C 111 -24.22 15.77 -0.09
CA LYS C 111 -23.63 14.46 -0.42
C LYS C 111 -23.85 13.44 0.72
N THR C 112 -23.59 13.85 1.95
CA THR C 112 -23.77 12.99 3.08
C THR C 112 -25.26 12.67 3.36
N PHE C 113 -26.08 13.68 3.29
CA PHE C 113 -27.52 13.50 3.42
C PHE C 113 -28.08 12.44 2.44
N THR C 114 -27.67 12.56 1.19
CA THR C 114 -28.01 11.63 0.16
C THR C 114 -27.48 10.21 0.42
N MET C 115 -26.19 10.07 0.71
CA MET C 115 -25.53 8.73 0.90
C MET C 115 -25.88 8.04 2.18
N GLU C 116 -25.99 8.84 3.22
CA GLU C 116 -26.15 8.34 4.59
C GLU C 116 -27.52 8.63 5.10
N GLY C 117 -27.87 9.91 5.07
CA GLY C 117 -29.15 10.34 5.54
C GLY C 117 -29.03 10.62 7.02
N GLU C 118 -30.16 10.64 7.71
CA GLU C 118 -30.25 11.31 9.00
C GLU C 118 -31.27 10.64 9.91
N ARG C 119 -31.08 10.74 11.20
CA ARG C 119 -32.11 10.19 12.06
C ARG C 119 -33.27 11.19 12.12
N SER C 120 -34.50 10.71 12.00
CA SER C 120 -35.67 11.49 12.45
C SER C 120 -35.72 11.69 13.97
N PRO C 121 -35.62 12.97 14.36
CA PRO C 121 -35.62 13.53 15.72
C PRO C 121 -36.97 13.25 16.36
N ASN C 122 -37.03 13.27 17.68
CA ASN C 122 -38.20 12.86 18.48
C ASN C 122 -38.50 11.37 18.40
N GLU C 123 -37.44 10.55 18.27
CA GLU C 123 -37.54 9.09 18.11
C GLU C 123 -38.60 8.83 17.04
N GLU C 124 -39.61 8.05 17.36
CA GLU C 124 -40.44 7.47 16.31
C GLU C 124 -39.60 6.45 15.50
N TYR C 125 -39.42 6.65 14.19
CA TYR C 125 -39.02 5.57 13.26
C TYR C 125 -37.81 4.73 13.64
N THR C 126 -37.87 3.43 13.34
CA THR C 126 -36.69 2.62 13.19
C THR C 126 -35.87 3.19 12.01
N TRP C 127 -34.57 2.97 12.02
CA TRP C 127 -33.77 3.38 10.87
C TRP C 127 -34.25 2.69 9.56
N GLU C 128 -34.74 1.46 9.67
CA GLU C 128 -35.29 0.78 8.49
C GLU C 128 -36.46 1.53 7.87
N GLU C 129 -37.27 2.19 8.68
CA GLU C 129 -38.41 2.95 8.16
C GLU C 129 -38.27 4.47 8.03
N ASP C 130 -37.15 5.04 8.41
CA ASP C 130 -37.06 6.48 8.56
C ASP C 130 -36.98 7.12 7.22
N PRO C 131 -37.92 8.02 6.93
CA PRO C 131 -37.95 8.66 5.60
C PRO C 131 -36.70 9.46 5.29
N LEU C 132 -35.90 9.77 6.33
CA LEU C 132 -34.70 10.58 6.16
C LEU C 132 -33.44 9.72 5.93
N ALA C 133 -33.57 8.41 6.10
CA ALA C 133 -32.46 7.50 5.81
C ALA C 133 -32.05 7.70 4.37
N GLY C 134 -30.74 7.58 4.09
CA GLY C 134 -30.24 7.81 2.75
C GLY C 134 -29.94 6.49 2.07
N ILE C 135 -29.14 6.57 1.01
CA ILE C 135 -28.84 5.43 0.17
C ILE C 135 -28.16 4.23 0.88
N ILE C 136 -27.18 4.48 1.73
CA ILE C 136 -26.47 3.37 2.34
C ILE C 136 -27.37 2.45 3.22
N PRO C 137 -28.13 3.05 4.17
CA PRO C 137 -28.98 2.17 4.98
C PRO C 137 -30.10 1.47 4.18
N ARG C 138 -30.73 2.18 3.25
CA ARG C 138 -31.73 1.55 2.40
C ARG C 138 -31.13 0.43 1.60
N THR C 139 -29.95 0.65 1.02
CA THR C 139 -29.33 -0.40 0.25
C THR C 139 -29.05 -1.66 1.08
N LEU C 140 -28.49 -1.50 2.27
CA LEU C 140 -28.18 -2.66 3.11
C LEU C 140 -29.44 -3.42 3.56
N HIS C 141 -30.42 -2.67 4.04
CA HIS C 141 -31.67 -3.29 4.37
C HIS C 141 -32.20 -4.14 3.19
N GLN C 142 -32.18 -3.60 1.98
CA GLN C 142 -32.74 -4.34 0.82
C GLN C 142 -31.91 -5.53 0.44
N ILE C 143 -30.61 -5.45 0.59
CA ILE C 143 -29.80 -6.60 0.26
C ILE C 143 -30.25 -7.79 1.11
N PHE C 144 -30.34 -7.58 2.42
CA PHE C 144 -30.72 -8.66 3.32
C PHE C 144 -32.15 -9.15 3.07
N GLU C 145 -33.08 -8.23 2.89
CA GLU C 145 -34.44 -8.56 2.58
C GLU C 145 -34.61 -9.30 1.25
N LYS C 146 -33.94 -8.85 0.22
CA LYS C 146 -34.17 -9.45 -1.07
C LYS C 146 -33.65 -10.90 -1.12
N LEU C 147 -32.44 -11.09 -0.62
CA LEU C 147 -31.79 -12.40 -0.66
C LEU C 147 -32.34 -13.39 0.36
N THR C 148 -32.79 -12.91 1.51
CA THR C 148 -33.44 -13.73 2.49
C THR C 148 -34.78 -14.21 1.85
N ASP C 149 -35.43 -13.30 1.16
CA ASP C 149 -36.66 -13.62 0.48
C ASP C 149 -36.66 -14.66 -0.66
N ASN C 150 -35.66 -14.68 -1.54
CA ASN C 150 -35.60 -15.80 -2.51
C ASN C 150 -34.81 -17.00 -2.02
N GLY C 151 -34.40 -17.03 -0.77
CA GLY C 151 -33.76 -18.22 -0.29
C GLY C 151 -32.38 -18.40 -0.88
N THR C 152 -31.77 -17.33 -1.37
CA THR C 152 -30.35 -17.37 -1.69
C THR C 152 -29.46 -17.66 -0.46
N GLU C 153 -28.46 -18.50 -0.63
CA GLU C 153 -27.44 -18.63 0.38
C GLU C 153 -26.38 -17.55 0.09
N PHE C 154 -26.12 -16.69 1.06
CA PHE C 154 -25.36 -15.50 0.75
C PHE C 154 -24.61 -14.92 1.94
N SER C 155 -23.57 -14.14 1.64
CA SER C 155 -22.89 -13.41 2.68
C SER C 155 -22.52 -12.01 2.21
N VAL C 156 -22.38 -11.09 3.16
CA VAL C 156 -22.24 -9.68 2.86
C VAL C 156 -20.94 -9.17 3.53
N LYS C 157 -20.07 -8.49 2.79
CA LYS C 157 -18.95 -7.82 3.47
C LYS C 157 -18.97 -6.37 3.15
N VAL C 158 -18.57 -5.55 4.13
CA VAL C 158 -18.55 -4.12 3.94
C VAL C 158 -17.16 -3.64 4.32
N SER C 159 -16.72 -2.61 3.61
CA SER C 159 -15.47 -1.92 3.95
C SER C 159 -15.68 -0.44 3.73
N LEU C 160 -14.93 0.37 4.48
CA LEU C 160 -14.96 1.82 4.29
C LEU C 160 -13.59 2.43 4.27
N LEU C 161 -13.23 3.00 3.14
CA LEU C 161 -11.91 3.54 2.91
C LEU C 161 -12.00 5.07 2.77
N GLU C 162 -11.17 5.82 3.46
CA GLU C 162 -11.10 7.26 3.27
C GLU C 162 -9.83 7.59 2.55
N ILE C 163 -9.93 8.44 1.53
CA ILE C 163 -8.75 8.86 0.79
C ILE C 163 -8.58 10.31 1.21
N TYR C 164 -7.50 10.57 1.92
CA TYR C 164 -7.31 11.89 2.50
C TYR C 164 -5.89 12.37 2.33
N ASN C 165 -5.77 13.53 1.72
CA ASN C 165 -4.46 14.12 1.58
C ASN C 165 -3.56 13.05 0.95
N GLU C 166 -4.08 12.39 -0.10
CA GLU C 166 -3.25 11.42 -0.83
C GLU C 166 -3.00 10.07 -0.12
N GLU C 167 -3.55 9.89 1.09
CA GLU C 167 -3.32 8.68 1.90
C GLU C 167 -4.57 7.81 2.14
N LEU C 168 -4.37 6.55 2.48
CA LEU C 168 -5.48 5.63 2.68
C LEU C 168 -5.70 5.23 4.12
N PHE C 169 -6.94 5.36 4.58
CA PHE C 169 -7.37 4.97 5.94
C PHE C 169 -8.60 4.07 5.97
N ASP C 170 -8.66 3.20 6.96
CA ASP C 170 -9.75 2.24 7.12
C ASP C 170 -10.58 2.64 8.34
N LEU C 171 -11.81 3.08 8.11
CA LEU C 171 -12.74 3.51 9.18
C LEU C 171 -13.49 2.40 9.94
N LEU C 172 -13.58 1.20 9.38
CA LEU C 172 -14.25 0.10 10.06
C LEU C 172 -13.31 -0.88 10.80
N ASN C 173 -12.02 -0.63 10.83
CA ASN C 173 -11.18 -1.40 11.72
C ASN C 173 -11.31 -0.74 13.10
N PRO C 174 -11.98 -1.41 14.04
CA PRO C 174 -12.23 -0.84 15.37
C PRO C 174 -10.98 -0.72 16.26
N SER C 175 -10.00 -1.59 16.05
CA SER C 175 -8.80 -1.63 16.90
C SER C 175 -7.71 -0.61 16.52
N SER C 176 -7.57 -0.31 15.25
CA SER C 176 -6.42 0.47 14.79
C SER C 176 -6.53 1.98 14.98
N ASP C 177 -5.39 2.62 15.07
CA ASP C 177 -5.25 4.05 15.28
C ASP C 177 -5.73 4.82 14.04
N VAL C 178 -6.44 5.93 14.24
CA VAL C 178 -6.94 6.73 13.16
C VAL C 178 -5.82 7.25 12.28
N SER C 179 -4.59 7.21 12.79
CA SER C 179 -3.50 7.75 11.99
C SER C 179 -2.86 6.69 11.11
N GLU C 180 -3.37 5.47 11.18
CA GLU C 180 -2.74 4.36 10.46
C GLU C 180 -3.01 4.43 8.96
N ARG C 181 -1.94 4.50 8.19
CA ARG C 181 -2.04 4.63 6.76
C ARG C 181 -1.87 3.23 6.13
N LEU C 182 -2.62 2.96 5.06
CA LEU C 182 -2.60 1.69 4.36
C LEU C 182 -1.94 1.83 3.01
N GLN C 183 -1.35 0.75 2.50
CA GLN C 183 -0.63 0.79 1.22
C GLN C 183 -1.40 0.12 0.11
N MET C 184 -1.25 0.65 -1.10
CA MET C 184 -1.92 0.10 -2.28
C MET C 184 -0.95 -0.66 -3.20
N PHE C 185 -1.36 -1.82 -3.72
CA PHE C 185 -0.51 -2.68 -4.52
C PHE C 185 -1.31 -3.09 -5.73
N ASP C 186 -0.64 -3.47 -6.81
CA ASP C 186 -1.35 -4.07 -7.95
C ASP C 186 -1.86 -5.42 -7.51
N ASP C 187 -2.98 -5.84 -8.07
CA ASP C 187 -3.43 -7.17 -7.85
C ASP C 187 -2.75 -8.00 -8.96
N PRO C 188 -1.82 -8.86 -8.58
CA PRO C 188 -1.15 -9.81 -9.49
C PRO C 188 -2.09 -10.59 -10.44
N ARG C 189 -3.26 -11.01 -9.98
CA ARG C 189 -4.14 -11.70 -10.90
C ARG C 189 -4.75 -10.78 -11.95
N ASN C 190 -4.99 -9.53 -11.61
CA ASN C 190 -5.84 -8.69 -12.43
C ASN C 190 -5.35 -7.23 -12.62
N LYS C 191 -5.07 -6.86 -13.86
CA LYS C 191 -4.52 -5.56 -14.17
C LYS C 191 -5.42 -4.44 -13.75
N ARG C 192 -6.73 -4.70 -13.68
CA ARG C 192 -7.66 -3.66 -13.25
C ARG C 192 -7.76 -3.50 -11.75
N GLY C 193 -7.36 -4.53 -11.02
CA GLY C 193 -7.54 -4.53 -9.59
C GLY C 193 -6.36 -3.99 -8.78
N VAL C 194 -6.64 -3.61 -7.54
CA VAL C 194 -5.59 -3.33 -6.61
C VAL C 194 -5.93 -4.08 -5.35
N ILE C 195 -5.02 -4.01 -4.39
CA ILE C 195 -5.16 -4.58 -3.06
C ILE C 195 -4.73 -3.46 -2.13
N ILE C 196 -5.56 -3.15 -1.16
CA ILE C 196 -5.17 -2.23 -0.11
C ILE C 196 -4.83 -3.06 1.08
N LYS C 197 -3.54 -3.12 1.40
CA LYS C 197 -3.09 -4.05 2.40
C LYS C 197 -3.61 -3.64 3.77
N GLY C 198 -4.33 -4.57 4.39
CA GLY C 198 -4.86 -4.39 5.74
C GLY C 198 -6.23 -3.73 5.81
N LEU C 199 -6.86 -3.49 4.67
CA LEU C 199 -8.23 -2.94 4.66
C LEU C 199 -9.20 -4.03 5.08
N GLU C 200 -9.97 -3.75 6.11
CA GLU C 200 -10.83 -4.79 6.64
C GLU C 200 -12.10 -4.86 5.85
N GLU C 201 -12.42 -6.07 5.44
CA GLU C 201 -13.75 -6.34 4.93
C GLU C 201 -14.48 -7.14 5.98
N ILE C 202 -15.43 -6.50 6.65
CA ILE C 202 -16.21 -7.09 7.71
C ILE C 202 -17.48 -7.83 7.26
N THR C 203 -17.54 -9.12 7.58
CA THR C 203 -18.73 -9.92 7.30
C THR C 203 -19.87 -9.43 8.24
N VAL C 204 -21.02 -9.07 7.65
CA VAL C 204 -22.18 -8.65 8.44
C VAL C 204 -23.29 -9.67 8.20
N HIS C 205 -23.75 -10.28 9.28
CA HIS C 205 -24.75 -11.32 9.13
C HIS C 205 -26.20 -10.84 9.09
N ASN C 206 -26.48 -9.62 9.51
CA ASN C 206 -27.85 -9.14 9.40
C ASN C 206 -27.81 -7.63 9.56
N LYS C 207 -28.99 -7.03 9.43
CA LYS C 207 -29.15 -5.60 9.41
C LYS C 207 -28.76 -4.91 10.72
N ASP C 208 -28.80 -5.66 11.83
CA ASP C 208 -28.37 -5.10 13.11
C ASP C 208 -26.86 -4.98 13.17
N GLU C 209 -26.18 -5.99 12.64
CA GLU C 209 -24.74 -6.00 12.66
C GLU C 209 -24.19 -4.86 11.81
N VAL C 210 -24.82 -4.56 10.67
CA VAL C 210 -24.39 -3.41 9.88
C VAL C 210 -24.68 -2.07 10.56
N TYR C 211 -25.81 -1.93 11.22
CA TYR C 211 -25.97 -0.75 12.06
C TYR C 211 -24.82 -0.56 13.09
N GLN C 212 -24.43 -1.61 13.80
CA GLN C 212 -23.41 -1.38 14.83
C GLN C 212 -22.05 -1.22 14.24
N ILE C 213 -21.80 -1.81 13.08
CA ILE C 213 -20.47 -1.65 12.48
C ILE C 213 -20.26 -0.20 12.01
N LEU C 214 -21.30 0.37 11.45
CA LEU C 214 -21.28 1.74 10.93
C LEU C 214 -21.39 2.76 12.06
N GLU C 215 -22.20 2.48 13.07
CA GLU C 215 -22.23 3.33 14.27
C GLU C 215 -20.81 3.56 14.84
N LYS C 216 -20.02 2.49 14.99
CA LYS C 216 -18.58 2.57 15.38
C LYS C 216 -17.72 3.29 14.34
N GLY C 217 -17.95 3.02 13.06
CA GLY C 217 -17.24 3.73 12.02
C GLY C 217 -17.43 5.24 12.11
N ALA C 218 -18.65 5.67 12.40
CA ALA C 218 -18.97 7.09 12.58
C ALA C 218 -18.17 7.70 13.73
N ALA C 219 -18.07 6.98 14.83
CA ALA C 219 -17.31 7.47 16.00
C ALA C 219 -15.81 7.58 15.68
N LYS C 220 -15.29 6.57 15.00
CA LYS C 220 -13.90 6.59 14.56
C LYS C 220 -13.63 7.73 13.57
N ARG C 221 -14.63 8.02 12.76
CA ARG C 221 -14.56 9.11 11.78
C ARG C 221 -14.57 10.49 12.46
N THR C 222 -15.36 10.62 13.52
CA THR C 222 -15.37 11.86 14.28
C THR C 222 -13.98 12.05 14.89
N THR C 223 -13.46 11.00 15.52
CA THR C 223 -12.11 11.06 16.02
C THR C 223 -11.10 11.52 14.98
N ALA C 224 -11.16 10.97 13.79
CA ALA C 224 -10.18 11.30 12.78
C ALA C 224 -10.32 12.76 12.37
N ALA C 225 -11.56 13.22 12.35
CA ALA C 225 -11.90 14.58 11.92
C ALA C 225 -11.25 15.59 12.86
N THR C 226 -11.48 15.38 14.15
CA THR C 226 -10.88 16.14 15.21
C THR C 226 -9.35 16.22 15.03
N LEU C 227 -8.72 15.08 14.74
CA LEU C 227 -7.28 15.07 14.46
C LEU C 227 -6.87 15.90 13.24
N MET C 228 -7.44 15.62 12.07
CA MET C 228 -6.89 16.16 10.81
C MET C 228 -7.70 17.28 10.14
N ASN C 229 -6.97 18.22 9.55
CA ASN C 229 -7.49 19.46 8.95
C ASN C 229 -8.58 19.32 7.85
N ALA C 230 -9.69 20.02 8.03
CA ALA C 230 -10.78 20.06 7.06
C ALA C 230 -11.13 18.64 6.56
N TYR C 231 -11.61 17.79 7.47
CA TYR C 231 -11.55 16.37 7.18
C TYR C 231 -12.62 15.84 6.24
N SER C 232 -13.90 16.13 6.50
CA SER C 232 -14.98 15.58 5.66
C SER C 232 -15.05 16.20 4.24
N SER C 233 -14.98 17.53 4.21
CA SER C 233 -14.85 18.26 2.96
C SER C 233 -13.55 17.96 2.20
N ARG C 234 -12.52 17.46 2.88
CA ARG C 234 -11.31 17.07 2.15
C ARG C 234 -11.08 15.58 1.83
N SER C 235 -11.98 14.70 2.19
CA SER C 235 -11.77 13.27 1.94
C SER C 235 -12.70 12.71 0.88
N HIS C 236 -12.22 11.73 0.14
CA HIS C 236 -13.15 10.87 -0.58
C HIS C 236 -13.46 9.70 0.31
N SER C 237 -14.71 9.29 0.35
CA SER C 237 -15.03 8.10 1.10
C SER C 237 -15.62 7.00 0.19
N VAL C 238 -15.01 5.83 0.25
CA VAL C 238 -15.46 4.70 -0.55
C VAL C 238 -16.03 3.66 0.38
N PHE C 239 -17.36 3.50 0.33
CA PHE C 239 -18.09 2.43 1.03
C PHE C 239 -18.37 1.28 0.03
N SER C 240 -18.00 0.06 0.37
CA SER C 240 -18.18 -1.03 -0.57
C SER C 240 -18.87 -2.22 0.09
N VAL C 241 -19.93 -2.73 -0.53
CA VAL C 241 -20.49 -3.99 -0.13
C VAL C 241 -20.18 -5.01 -1.17
N THR C 242 -19.71 -6.16 -0.71
CA THR C 242 -19.50 -7.29 -1.62
C THR C 242 -20.48 -8.41 -1.26
N ILE C 243 -21.13 -8.98 -2.24
CA ILE C 243 -22.11 -10.01 -1.90
C ILE C 243 -21.75 -11.31 -2.59
N HIS C 244 -21.57 -12.37 -1.81
CA HIS C 244 -21.40 -13.71 -2.38
C HIS C 244 -22.71 -14.47 -2.35
N MET C 245 -23.20 -14.86 -3.52
CA MET C 245 -24.50 -15.51 -3.59
C MET C 245 -24.41 -16.88 -4.21
N LYS C 246 -25.10 -17.83 -3.62
CA LYS C 246 -25.26 -19.13 -4.24
C LYS C 246 -26.74 -19.44 -4.23
N GLU C 247 -27.33 -19.58 -5.40
CA GLU C 247 -28.74 -19.90 -5.42
C GLU C 247 -28.93 -21.36 -5.79
N THR C 248 -29.61 -22.09 -4.91
CA THR C 248 -29.83 -23.51 -5.07
C THR C 248 -31.31 -23.92 -5.17
N THR C 249 -31.63 -24.72 -6.18
CA THR C 249 -32.98 -25.18 -6.41
C THR C 249 -32.96 -26.69 -6.64
N ILE C 250 -33.73 -27.45 -5.88
CA ILE C 250 -33.72 -28.88 -6.13
C ILE C 250 -34.26 -29.11 -7.54
N ASP C 251 -33.58 -29.98 -8.29
CA ASP C 251 -33.86 -30.27 -9.71
C ASP C 251 -33.83 -29.06 -10.67
N GLY C 252 -32.82 -28.23 -10.47
CA GLY C 252 -32.72 -27.01 -11.20
C GLY C 252 -31.31 -26.53 -11.13
N GLU C 253 -31.09 -25.31 -11.59
CA GLU C 253 -29.72 -24.80 -11.73
C GLU C 253 -29.18 -24.27 -10.41
N GLU C 254 -27.88 -24.45 -10.17
CA GLU C 254 -27.24 -23.83 -9.02
C GLU C 254 -26.37 -22.69 -9.52
N LEU C 255 -26.80 -21.47 -9.25
CA LEU C 255 -26.06 -20.29 -9.72
C LEU C 255 -25.16 -19.69 -8.64
N VAL C 256 -23.87 -19.50 -8.95
CA VAL C 256 -23.03 -18.70 -8.06
C VAL C 256 -22.71 -17.28 -8.65
N LYS C 257 -22.79 -16.25 -7.80
CA LYS C 257 -22.65 -14.88 -8.28
C LYS C 257 -21.88 -14.12 -7.24
N ILE C 258 -21.16 -13.08 -7.65
CA ILE C 258 -20.52 -12.12 -6.73
C ILE C 258 -20.90 -10.69 -7.15
N GLY C 259 -21.70 -10.01 -6.33
CA GLY C 259 -22.08 -8.63 -6.61
C GLY C 259 -21.23 -7.64 -5.83
N LYS C 260 -21.02 -6.42 -6.35
CA LYS C 260 -20.29 -5.41 -5.59
C LYS C 260 -20.86 -4.03 -5.83
N LEU C 261 -20.98 -3.23 -4.78
CA LEU C 261 -21.46 -1.89 -4.94
C LEU C 261 -20.62 -0.91 -4.15
N ASN C 262 -20.07 0.08 -4.84
CA ASN C 262 -19.35 1.18 -4.18
C ASN C 262 -20.17 2.42 -4.07
N LEU C 263 -20.25 2.96 -2.88
CA LEU C 263 -20.97 4.20 -2.70
C LEU C 263 -19.97 5.28 -2.22
N VAL C 264 -19.73 6.22 -3.10
CA VAL C 264 -18.58 7.05 -2.99
C VAL C 264 -18.99 8.43 -2.71
N ASP C 265 -18.50 8.98 -1.61
CA ASP C 265 -18.89 10.31 -1.24
C ASP C 265 -17.66 11.19 -1.45
N LEU C 266 -17.67 11.98 -2.50
CA LEU C 266 -16.47 12.68 -2.91
C LEU C 266 -16.14 13.87 -2.07
N ALA C 267 -14.88 14.29 -2.12
CA ALA C 267 -14.48 15.52 -1.42
C ALA C 267 -15.13 16.75 -2.09
N GLY C 268 -15.35 17.79 -1.33
CA GLY C 268 -15.96 19.02 -1.83
C GLY C 268 -15.31 19.52 -3.10
N SER C 269 -16.16 19.88 -4.06
CA SER C 269 -15.72 20.34 -5.36
C SER C 269 -15.35 21.82 -5.37
N GLU C 270 -15.58 22.52 -4.26
CA GLU C 270 -15.32 23.96 -4.25
C GLU C 270 -13.82 24.20 -4.39
N ASN C 271 -13.45 25.03 -5.37
CA ASN C 271 -12.03 25.32 -5.69
C ASN C 271 -11.85 26.18 -6.96
N ARG C 281 -3.47 23.42 3.36
CA ARG C 281 -2.81 23.98 2.18
C ARG C 281 -3.76 24.09 0.98
N ALA C 282 -3.41 24.98 0.05
CA ALA C 282 -4.04 25.02 -1.27
C ALA C 282 -3.41 23.96 -2.20
N ARG C 283 -2.39 23.27 -1.70
CA ARG C 283 -1.82 22.10 -2.37
C ARG C 283 -2.73 20.91 -2.07
N GLU C 284 -3.27 20.91 -0.85
CA GLU C 284 -4.29 19.95 -0.42
C GLU C 284 -5.60 20.19 -1.21
N ALA C 285 -6.05 21.44 -1.25
CA ALA C 285 -7.19 21.83 -2.08
C ALA C 285 -6.86 21.66 -3.57
N GLY C 286 -5.62 21.94 -3.94
CA GLY C 286 -5.14 21.68 -5.28
C GLY C 286 -5.19 20.21 -5.67
N ASN C 287 -4.79 19.32 -4.76
CA ASN C 287 -4.70 17.88 -5.08
C ASN C 287 -6.06 17.19 -5.14
N ILE C 288 -6.96 17.62 -4.25
CA ILE C 288 -8.34 17.18 -4.35
C ILE C 288 -8.84 17.50 -5.75
N ASN C 289 -8.65 18.76 -6.15
CA ASN C 289 -9.12 19.23 -7.46
C ASN C 289 -8.63 18.36 -8.63
N GLN C 290 -7.39 17.88 -8.54
CA GLN C 290 -6.82 16.99 -9.56
C GLN C 290 -7.56 15.65 -9.72
N SER C 291 -7.78 14.93 -8.61
CA SER C 291 -8.46 13.63 -8.65
C SER C 291 -9.93 13.77 -9.13
N LEU C 292 -10.57 14.87 -8.74
CA LEU C 292 -11.87 15.20 -9.28
C LEU C 292 -11.83 15.33 -10.81
N LEU C 293 -10.86 16.08 -11.36
CA LEU C 293 -10.77 16.24 -12.84
C LEU C 293 -10.48 14.90 -13.52
N THR C 294 -9.63 14.09 -12.89
CA THR C 294 -9.35 12.74 -13.39
C THR C 294 -10.64 11.90 -13.41
N LEU C 295 -11.39 11.93 -12.32
CA LEU C 295 -12.65 11.17 -12.29
C LEU C 295 -13.53 11.63 -13.46
N GLY C 296 -13.54 12.95 -13.68
CA GLY C 296 -14.38 13.56 -14.71
C GLY C 296 -13.98 13.00 -16.06
N ARG C 297 -12.68 13.04 -16.37
CA ARG C 297 -12.12 12.50 -17.60
C ARG C 297 -12.42 11.03 -17.82
N VAL C 298 -12.39 10.27 -16.74
CA VAL C 298 -12.70 8.86 -16.86
C VAL C 298 -14.15 8.68 -17.27
N ILE C 299 -15.04 9.46 -16.66
CA ILE C 299 -16.49 9.33 -16.94
C ILE C 299 -16.79 9.79 -18.35
N THR C 300 -16.28 10.97 -18.70
CA THR C 300 -16.37 11.45 -20.06
C THR C 300 -15.92 10.35 -21.07
N ALA C 301 -14.76 9.77 -20.83
CA ALA C 301 -14.21 8.82 -21.75
C ALA C 301 -15.10 7.61 -21.88
N LEU C 302 -15.68 7.18 -20.76
CA LEU C 302 -16.56 5.99 -20.76
C LEU C 302 -17.92 6.22 -21.40
N VAL C 303 -18.40 7.45 -21.34
CA VAL C 303 -19.63 7.79 -22.02
C VAL C 303 -19.37 7.83 -23.54
N GLU C 304 -18.23 8.39 -23.89
CA GLU C 304 -17.85 8.66 -25.27
C GLU C 304 -17.31 7.41 -25.95
N ARG C 305 -17.00 6.41 -25.13
CA ARG C 305 -16.32 5.20 -25.57
C ARG C 305 -14.95 5.49 -26.21
N THR C 306 -14.34 6.61 -25.84
CA THR C 306 -12.92 6.89 -26.06
C THR C 306 -12.07 5.73 -25.52
N PRO C 307 -10.97 5.37 -26.23
CA PRO C 307 -10.03 4.30 -25.82
C PRO C 307 -9.11 4.67 -24.63
N HIS C 308 -8.79 5.95 -24.47
CA HIS C 308 -7.94 6.38 -23.37
CA HIS C 308 -7.96 6.31 -23.34
C HIS C 308 -8.81 6.75 -22.16
N VAL C 309 -8.82 5.90 -21.13
CA VAL C 309 -9.52 6.17 -19.89
C VAL C 309 -8.43 6.35 -18.86
N PRO C 310 -8.20 7.56 -18.42
CA PRO C 310 -7.01 7.65 -17.58
C PRO C 310 -7.17 7.08 -16.14
N TYR C 311 -7.48 5.80 -15.96
CA TYR C 311 -7.68 5.24 -14.62
C TYR C 311 -6.51 5.43 -13.70
N ARG C 312 -5.32 5.46 -14.26
CA ARG C 312 -4.14 5.40 -13.43
C ARG C 312 -3.66 6.76 -12.99
N GLU C 313 -4.40 7.81 -13.33
CA GLU C 313 -3.92 9.17 -13.00
C GLU C 313 -4.31 9.67 -11.61
N SER C 314 -5.07 8.87 -10.87
CA SER C 314 -5.43 9.20 -9.51
C SER C 314 -5.64 7.93 -8.69
N LYS C 315 -5.49 8.07 -7.38
CA LYS C 315 -5.74 6.94 -6.50
C LYS C 315 -7.20 6.51 -6.59
N LEU C 316 -8.07 7.48 -6.45
CA LEU C 316 -9.51 7.25 -6.51
C LEU C 316 -9.86 6.46 -7.78
N THR C 317 -9.44 6.92 -8.95
CA THR C 317 -9.84 6.20 -10.16
C THR C 317 -9.13 4.88 -10.28
N ARG C 318 -7.92 4.81 -9.75
CA ARG C 318 -7.22 3.52 -9.77
C ARG C 318 -7.94 2.49 -8.86
N ILE C 319 -8.28 2.89 -7.63
CA ILE C 319 -9.09 2.08 -6.72
C ILE C 319 -10.46 1.64 -7.33
N LEU C 320 -11.13 2.55 -8.04
CA LEU C 320 -12.40 2.19 -8.63
C LEU C 320 -12.32 1.55 -10.04
N GLN C 321 -11.11 1.44 -10.59
CA GLN C 321 -10.97 0.95 -11.98
C GLN C 321 -11.66 -0.40 -12.24
N ASP C 322 -11.55 -1.34 -11.34
CA ASP C 322 -12.22 -2.60 -11.57
C ASP C 322 -13.78 -2.49 -11.62
N SER C 323 -14.36 -1.54 -10.90
CA SER C 323 -15.79 -1.34 -11.00
C SER C 323 -16.19 -0.62 -12.25
N LEU C 324 -15.55 0.50 -12.48
CA LEU C 324 -15.83 1.36 -13.62
C LEU C 324 -15.51 0.65 -14.93
N GLY C 325 -14.40 -0.10 -15.00
CA GLY C 325 -14.05 -0.81 -16.23
C GLY C 325 -15.06 -1.95 -16.38
N GLY C 326 -14.93 -2.86 -17.32
CA GLY C 326 -15.89 -3.98 -17.22
C GLY C 326 -17.39 -3.61 -17.36
N ARG C 327 -18.28 -4.59 -17.19
CA ARG C 327 -19.70 -4.35 -17.49
C ARG C 327 -20.49 -3.91 -16.24
N THR C 328 -20.93 -2.65 -16.22
CA THR C 328 -21.47 -2.01 -15.04
C THR C 328 -22.61 -1.05 -15.26
N ARG C 329 -23.00 -0.44 -14.16
CA ARG C 329 -23.80 0.73 -14.21
C ARG C 329 -23.04 1.64 -13.32
N THR C 330 -22.90 2.88 -13.74
CA THR C 330 -22.30 3.92 -12.93
C THR C 330 -23.26 5.08 -12.89
N SER C 331 -23.53 5.62 -11.70
CA SER C 331 -24.22 6.86 -11.63
C SER C 331 -23.49 7.89 -10.79
N ILE C 332 -23.70 9.16 -11.16
CA ILE C 332 -23.24 10.29 -10.38
C ILE C 332 -24.43 11.13 -9.92
N ILE C 333 -24.55 11.38 -8.63
CA ILE C 333 -25.55 12.31 -8.16
C ILE C 333 -24.84 13.60 -7.82
N ALA C 334 -25.16 14.66 -8.58
CA ALA C 334 -24.52 15.95 -8.43
C ALA C 334 -25.44 16.83 -7.57
N THR C 335 -24.94 17.30 -6.45
CA THR C 335 -25.73 18.05 -5.48
C THR C 335 -25.34 19.53 -5.53
N ILE C 336 -26.33 20.40 -5.40
CA ILE C 336 -26.20 21.87 -5.48
C ILE C 336 -27.10 22.56 -4.45
N SER C 337 -26.73 23.76 -4.02
CA SER C 337 -27.58 24.69 -3.26
C SER C 337 -28.52 25.52 -4.16
N PRO C 338 -29.70 25.86 -3.64
CA PRO C 338 -30.49 26.82 -4.43
C PRO C 338 -29.92 28.27 -4.38
N ALA C 339 -29.18 28.63 -3.33
CA ALA C 339 -28.93 30.03 -2.99
C ALA C 339 -28.02 30.79 -3.95
N SER C 340 -28.35 32.09 -4.12
CA SER C 340 -27.60 33.03 -4.95
C SER C 340 -26.16 33.13 -4.46
N LEU C 341 -25.95 33.09 -3.16
CA LEU C 341 -24.59 33.16 -2.70
C LEU C 341 -23.67 32.01 -3.15
N ASN C 342 -24.23 30.94 -3.72
CA ASN C 342 -23.44 29.85 -4.33
C ASN C 342 -23.24 29.86 -5.82
N LEU C 343 -23.63 30.92 -6.48
CA LEU C 343 -23.69 30.87 -7.91
C LEU C 343 -22.46 30.22 -8.59
N GLU C 344 -21.27 30.60 -8.18
CA GLU C 344 -20.09 30.14 -8.90
C GLU C 344 -19.92 28.63 -8.75
N GLU C 345 -20.01 28.16 -7.50
CA GLU C 345 -19.85 26.74 -7.19
C GLU C 345 -20.96 25.95 -7.89
N THR C 346 -22.17 26.51 -7.87
CA THR C 346 -23.26 25.77 -8.42
C THR C 346 -22.99 25.60 -9.90
N LEU C 347 -22.49 26.65 -10.53
CA LEU C 347 -22.32 26.56 -11.98
C LEU C 347 -21.16 25.61 -12.29
N SER C 348 -20.12 25.69 -11.48
CA SER C 348 -19.02 24.78 -11.65
C SER C 348 -19.47 23.28 -11.54
N THR C 349 -20.29 22.99 -10.54
CA THR C 349 -20.82 21.65 -10.38
C THR C 349 -21.59 21.17 -11.60
N LEU C 350 -22.40 22.05 -12.19
CA LEU C 350 -23.27 21.66 -13.25
C LEU C 350 -22.45 21.55 -14.54
N GLU C 351 -21.42 22.37 -14.65
CA GLU C 351 -20.48 22.26 -15.78
C GLU C 351 -19.80 20.90 -15.69
N TYR C 352 -19.39 20.54 -14.48
CA TYR C 352 -18.74 19.25 -14.27
C TYR C 352 -19.64 18.11 -14.66
N ALA C 353 -20.85 18.09 -14.11
CA ALA C 353 -21.83 17.08 -14.49
C ALA C 353 -22.06 17.06 -16.02
N HIS C 354 -22.18 18.26 -16.62
CA HIS C 354 -22.51 18.33 -18.04
C HIS C 354 -21.34 17.86 -18.91
N ARG C 355 -20.14 18.11 -18.41
CA ARG C 355 -18.93 17.67 -19.05
C ARG C 355 -18.80 16.16 -18.94
N ALA C 356 -19.27 15.57 -17.84
CA ALA C 356 -19.17 14.11 -17.70
C ALA C 356 -20.06 13.40 -18.68
N LYS C 357 -21.30 13.87 -18.78
CA LYS C 357 -22.22 13.32 -19.75
C LYS C 357 -22.98 14.46 -20.42
N ASN C 358 -22.71 14.63 -21.69
CA ASN C 358 -23.22 15.78 -22.37
C ASN C 358 -24.54 15.43 -23.00
N ILE C 359 -25.60 16.02 -22.49
CA ILE C 359 -26.89 15.83 -23.10
C ILE C 359 -27.32 17.15 -23.72
N LEU C 360 -27.85 17.09 -24.93
CA LEU C 360 -28.22 18.30 -25.63
C LEU C 360 -29.52 18.88 -25.07
N ASN C 361 -29.52 20.16 -24.72
CA ASN C 361 -30.78 20.83 -24.40
C ASN C 361 -31.81 20.62 -25.51
N LYS C 362 -33.01 20.21 -25.13
CA LYS C 362 -34.13 20.18 -26.07
C LYS C 362 -34.82 21.56 -26.10
N PRO C 363 -35.22 22.02 -27.29
CA PRO C 363 -36.01 23.27 -27.44
C PRO C 363 -37.25 23.36 -26.55
N GLU C 364 -37.52 24.57 -26.05
CA GLU C 364 -38.57 24.87 -25.06
C GLU C 364 -39.98 25.10 -25.64
PB ADP D . -1.00 -31.84 21.47
O1B ADP D . -1.74 -30.65 20.92
O2B ADP D . 0.19 -32.30 20.64
O3B ADP D . -2.08 -32.81 21.89
PA ADP D . -1.23 -31.53 24.22
O1A ADP D . -2.67 -31.38 23.74
O2A ADP D . -0.78 -30.64 25.32
O3A ADP D . -0.31 -31.48 22.90
O5' ADP D . -0.98 -33.00 24.83
C5' ADP D . -2.05 -33.51 25.64
C4' ADP D . -1.84 -33.31 27.15
O4' ADP D . -0.50 -33.65 27.54
C3' ADP D . -2.09 -31.91 27.68
O3' ADP D . -3.38 -31.86 28.27
C2' ADP D . -1.06 -31.69 28.76
O2' ADP D . -1.53 -31.79 30.10
C1' ADP D . -0.17 -32.89 28.72
N9 ADP D . 1.23 -32.41 28.69
C8 ADP D . 1.99 -32.29 27.58
N7 ADP D . 3.24 -31.86 27.92
C5 ADP D . 3.26 -31.72 29.26
C6 ADP D . 4.27 -31.30 30.25
N6 ADP D . 5.49 -30.93 29.84
N1 ADP D . 3.91 -31.27 31.57
C2 ADP D . 2.66 -31.64 31.96
N3 ADP D . 1.69 -32.03 31.10
C4 ADP D . 1.94 -32.09 29.76
CL CL E . 0.86 -6.47 34.72
CAN G7X F . -6.30 -20.21 29.52
CAO G7X F . -5.48 -19.69 30.52
CAY G7X F . -4.13 -20.04 30.53
CAZ G7X F . -3.22 -19.51 31.64
CAX G7X F . -3.60 -20.90 29.57
CAW G7X F . -4.41 -21.41 28.56
CAM G7X F . -5.76 -21.03 28.53
CAL G7X F . -6.63 -21.61 27.41
OAV G7X F . -7.05 -22.76 27.56
NAK G7X F . -6.89 -20.89 26.28
CAU G7X F . -7.68 -21.56 25.22
CBC G7X F . -6.83 -22.56 24.39
CBD G7X F . -6.29 -23.84 25.09
NBE G7X F . -5.55 -24.66 24.11
CAJ G7X F . -6.46 -19.47 25.97
CAB G7X F . -7.64 -18.50 25.80
CAA G7X F . -8.72 -18.68 26.88
CAC G7X F . -7.12 -17.06 25.82
CAI G7X F . -5.64 -19.49 24.69
NAH G7X F . -6.25 -19.60 23.52
CAG G7X F . -5.58 -19.68 22.34
CAF G7X F . -6.26 -19.82 21.15
CAE G7X F . -5.57 -19.89 19.94
CLD G7X F . -6.54 -20.07 18.50
CAP G7X F . -4.17 -19.83 19.89
CAQ G7X F . -3.50 -19.69 21.08
CAR G7X F . -4.19 -19.62 22.29
CAS G7X F . -3.53 -19.50 23.47
OBA G7X F . -2.30 -19.45 23.48
NAT G7X F . -4.24 -19.43 24.69
CBB G7X F . -3.54 -19.30 25.97
CBG G7X F . -3.59 -17.90 26.47
CBH G7X F . -4.13 -17.65 27.71
CBK G7X F . -4.18 -16.34 28.17
CBJ G7X F . -3.66 -15.30 27.39
CBI G7X F . -3.10 -15.56 26.15
CBF G7X F . -3.08 -16.87 25.68
PB ADP G . 23.73 16.66 -4.12
O1B ADP G . 23.83 15.26 -4.71
O2B ADP G . 22.74 17.62 -4.76
O3B ADP G . 25.08 17.28 -3.96
PA ADP G . 21.85 15.60 -2.20
O1A ADP G . 22.16 14.13 -2.36
O2A ADP G . 20.62 16.22 -2.84
O3A ADP G . 23.19 16.44 -2.59
O5' ADP G . 21.62 15.82 -0.61
C5' ADP G . 20.79 14.88 0.09
C4' ADP G . 20.15 15.47 1.33
O4' ADP G . 19.46 16.65 0.98
C3' ADP G . 19.12 14.53 1.96
O3' ADP G . 19.42 14.36 3.35
C2' ADP G . 17.78 15.24 1.84
O2' ADP G . 16.94 15.11 3.02
C1' ADP G . 18.21 16.68 1.65
N9 ADP G . 17.24 17.40 0.82
C8 ADP G . 17.50 18.12 -0.28
N7 ADP G . 16.36 18.67 -0.76
C5 ADP G . 15.35 18.31 0.06
C6 ADP G . 13.87 18.55 0.15
N6 ADP G . 13.22 19.31 -0.77
N1 ADP G . 13.20 17.96 1.18
C2 ADP G . 13.83 17.20 2.12
N3 ADP G . 15.16 16.95 2.10
C4 ADP G . 15.93 17.47 1.12
CAN G7X H . 15.30 3.87 -4.06
CAO G7X H . 13.92 4.06 -3.95
CAY G7X H . 13.33 5.32 -4.16
CAZ G7X H . 11.82 5.50 -4.04
CAX G7X H . 14.14 6.40 -4.47
CAW G7X H . 15.51 6.22 -4.57
CAM G7X H . 16.11 4.96 -4.39
CAL G7X H . 17.65 4.85 -4.51
OAV G7X H . 18.33 5.16 -3.52
NAK G7X H . 18.21 4.49 -5.69
CAU G7X H . 19.69 4.44 -5.78
CBC G7X H . 20.33 5.81 -6.12
CBD G7X H . 19.55 7.03 -5.61
NBE G7X H . 20.45 8.16 -5.24
CAJ G7X H . 17.46 4.10 -6.94
CAB G7X H . 17.78 2.66 -7.29
CAA G7X H . 17.75 1.74 -6.08
CAC G7X H . 16.84 2.15 -8.39
CAI G7X H . 17.87 5.03 -8.09
NAH G7X H . 19.09 4.87 -8.64
CAG G7X H . 19.52 5.65 -9.64
CAF G7X H . 20.79 5.42 -10.14
CAE G7X H . 21.28 6.22 -11.18
CLD G7X H . 22.86 5.94 -11.81
CAP G7X H . 20.48 7.25 -11.70
CAQ G7X H . 19.21 7.48 -11.19
CAR G7X H . 18.72 6.68 -10.16
CAS G7X H . 17.45 6.91 -9.62
OBA G7X H . 16.69 7.81 -10.02
NAT G7X H . 17.04 6.06 -8.60
CBB G7X H . 15.72 6.27 -8.01
CBG G7X H . 14.77 5.28 -8.59
CBH G7X H . 14.02 4.49 -7.73
CBK G7X H . 13.12 3.57 -8.25
CBJ G7X H . 12.95 3.48 -9.64
CBI G7X H . 13.71 4.29 -10.50
CBF G7X H . 14.63 5.20 -9.98
PB ADP I . -22.01 17.58 2.62
O1B ADP I . -21.77 16.12 2.97
O2B ADP I . -22.44 17.93 1.20
O3B ADP I . -20.85 18.41 3.06
PA ADP I . -24.56 17.31 4.10
O1A ADP I . -24.45 16.91 5.55
O2A ADP I . -24.98 16.29 3.10
O3A ADP I . -23.19 18.04 3.65
O5' ADP I . -25.61 18.54 3.99
C5' ADP I . -25.54 19.74 4.77
C4' ADP I . -26.75 19.85 5.69
O4' ADP I . -27.97 19.95 4.95
C3' ADP I . -26.96 18.64 6.58
O3' ADP I . -27.67 19.20 7.71
C2' ADP I . -28.04 17.84 5.92
O2' ADP I . -28.77 17.13 6.94
C1' ADP I . -28.88 18.89 5.23
N9 ADP I . -29.40 18.54 3.90
C8 ADP I . -28.67 18.42 2.78
N7 ADP I . -29.45 18.11 1.71
C5 ADP I . -30.71 18.06 2.15
C6 ADP I . -32.02 17.78 1.54
N6 ADP I . -32.14 17.49 0.23
N1 ADP I . -33.10 17.81 2.32
C2 ADP I . -33.01 18.11 3.63
N3 ADP I . -31.85 18.35 4.26
C4 ADP I . -30.67 18.33 3.58
MG MG J . -19.63 14.79 2.81
P PO4 K . -0.28 1.54 -10.70
O1 PO4 K . 0.32 2.51 -9.70
O2 PO4 K . -1.44 0.94 -9.93
O3 PO4 K . -0.69 2.29 -11.96
O4 PO4 K . 0.61 0.38 -11.14
P PO4 L . -39.55 35.69 -14.29
O1 PO4 L . -40.74 34.81 -13.92
O2 PO4 L . -40.00 37.11 -14.43
O3 PO4 L . -38.51 35.66 -13.19
O4 PO4 L . -38.97 35.20 -15.61
CL CL M . -4.69 -7.39 2.90
CAN G7X N . -28.93 7.10 11.70
CAO G7X N . -30.20 6.69 11.32
CAY G7X N . -30.67 7.05 10.06
CAZ G7X N . -32.08 6.60 9.62
CAX G7X N . -29.89 7.80 9.20
CAW G7X N . -28.64 8.21 9.58
CAM G7X N . -28.14 7.83 10.83
CAL G7X N . -26.75 8.33 11.24
OAV G7X N . -26.70 9.53 11.57
NAK G7X N . -25.66 7.53 11.24
CAU G7X N . -24.33 8.11 11.65
CBC G7X N . -23.78 9.01 10.54
CBD G7X N . -24.54 10.34 10.39
NBE G7X N . -24.03 11.02 9.19
CAJ G7X N . -25.61 6.09 10.84
CAB G7X N . -25.06 5.23 11.94
CAA G7X N . -25.71 5.52 13.31
CAC G7X N . -25.22 3.77 11.52
CAI G7X N . -24.60 5.91 9.67
NAH G7X N . -23.30 5.93 9.93
CAG G7X N . -22.37 5.78 8.98
CAF G7X N . -21.02 5.84 9.30
CAE G7X N . -20.02 5.70 8.29
CLD G7X N . -18.32 5.77 8.67
CAP G7X N . -20.41 5.53 6.96
CAQ G7X N . -21.77 5.49 6.64
CAR G7X N . -22.74 5.63 7.64
CAS G7X N . -24.08 5.57 7.31
OBA G7X N . -24.46 5.41 6.12
NAT G7X N . -25.02 5.72 8.34
CBB G7X N . -26.46 5.67 8.05
CBG G7X N . -27.01 4.27 8.43
CBH G7X N . -28.15 4.15 9.24
CBK G7X N . -28.65 2.88 9.58
CBJ G7X N . -28.01 1.72 9.14
CBI G7X N . -26.89 1.85 8.32
CBF G7X N . -26.38 3.11 7.97
#